data_4XP1
#
_entry.id   4XP1
#
_cell.length_a   96.797
_cell.length_b   140.181
_cell.length_c   166.195
_cell.angle_alpha   90.000
_cell.angle_beta   90.000
_cell.angle_gamma   90.000
#
_symmetry.space_group_name_H-M   'P 21 21 21'
#
loop_
_entity.id
_entity.type
_entity.pdbx_description
1 polymer 'Dopamine transporter, isoform B'
2 polymer 'Antibody fragment light chain'
3 polymer 'antibody fragment heavy chain'
4 branched alpha-D-glucopyranose-(1-4)-alpha-D-glucopyranose
5 non-polymer 'SODIUM ION'
6 non-polymer 'CHLORIDE ION'
7 non-polymer 2-acetamido-2-deoxy-beta-D-glucopyranose
8 non-polymer 1-ETHOXY-2-(2-ETHOXYETHOXY)ETHANE
9 non-polymer L-DOPAMINE
10 non-polymer 1,2-ETHANEDIOL
11 non-polymer 'CHOLESTEROL HEMISUCCINATE'
12 non-polymer CHOLESTEROL
13 water water
#
loop_
_entity_poly.entity_id
_entity_poly.type
_entity_poly.pdbx_seq_one_letter_code
_entity_poly.pdbx_strand_id
1 'polypeptide(L)'
;DERETWSGKVDFLLSVIGFAVDLANVWRFPYLCYKNGGGAFLVPYGIMLAVGGIPLFYMELALGQHNRKGAITCWGRLVP
LFKGIGYAVVLIAFYVDFYYNVIIAWSLRFFFASFTNSLPWTSCNNIWNTPNCRPFEGHVEGFQSAASEYFNRYILELNR
SEGIHDLGAIKWDMALCLLIVYLICYFSLWKGISTSGKVVWFTALFPYAVLLILLIRGLTLPGSFLGIQYYLTPNFSAIY
KAEVWVDAATQVFFSLGPGFGVLLAYASYNKYHNNVYKDALLTSFINSATSFIAGFVIFSVLGYMAHTLGVRIEDVATEG
PGLVFVVYPAAIATMPASTFWALIFFMMLATLGLDSSFGGSEAIITALSDEFPKIKRNRELFVAGLFSLYFVVGLASCTQ
GGFYFFHLLDRYAAGYSILVAVFFEAIAVSWIYGTNRFSEDIRDMIGFPPGRYWQVCWRFVAPIFLLFITVYGLIGYEPL
TYADYVYPSWANALGWCIAGSSVVMIPAVAIFKLLSTPGSLRQRFTILTTPWRDQ
;
A
2 'polypeptide(L)'
;ENVLTQSPAIMSTSPGEKVTMTCRASSSVGSSYLHWYQQKSGASPKLWIYSTSNLASGVPARFSGSGSGTSYSLTISSVE
AEDAATYYCQQFSGYPLTFGSGTKLEMKRADAAPTVSIFPPSSEQLTSGGASVVCFLNNFYPKDINVKWKIDGSERQNGV
LNSWTDQDSKDSTYSMSSTLTLTKDEYERHNSYTCEATHKTSTSPIVKSFNRNE
;
L
3 'polypeptide(L)'
;EVQLVESGGGLVKPGGSLKLSCAASGFTFSSYAMSWVRQSPEKRLEWVAEISSGGRYIYYSDTVTGRFTISRDNARNILH
LEMSSLRSEDTAMYYCARGEVRQRGFDYWGQGTTLTVSSAKTTAPSVYPLAPVCGDTTGSSVTLGCLVKGYFPEPVTLTW
NSGSLSSGVHTFPAVLQSDLYTLSSSVTVTSSTWPSQSITCNVAHPASSTKVDKKIEPR
;
H
#
# COMPACT_ATOMS: atom_id res chain seq x y z
N ASP A 1 -13.03 6.83 19.07
CA ASP A 1 -13.03 5.43 19.49
C ASP A 1 -13.00 4.51 18.26
N GLU A 2 -13.87 3.51 18.25
CA GLU A 2 -13.99 2.62 17.09
C GLU A 2 -15.34 2.77 16.40
N ARG A 3 -15.31 3.39 15.22
CA ARG A 3 -16.50 3.59 14.40
C ARG A 3 -16.88 2.33 13.63
N GLU A 4 -18.14 2.25 13.22
CA GLU A 4 -18.60 1.11 12.43
C GLU A 4 -17.93 1.11 11.06
N THR A 5 -17.96 -0.04 10.41
CA THR A 5 -17.37 -0.19 9.09
C THR A 5 -18.40 -0.81 8.16
N TRP A 6 -18.14 -0.74 6.85
CA TRP A 6 -19.06 -1.28 5.86
C TRP A 6 -19.39 -2.74 6.15
N SER A 7 -20.64 -3.12 5.93
CA SER A 7 -21.05 -4.50 6.09
C SER A 7 -20.20 -5.41 5.18
N GLY A 8 -19.89 -4.92 4.00
CA GLY A 8 -19.02 -5.62 3.07
C GLY A 8 -18.35 -4.68 2.08
N LYS A 9 -17.27 -5.14 1.47
CA LYS A 9 -16.47 -4.28 0.58
C LYS A 9 -17.28 -3.75 -0.61
N VAL A 10 -18.22 -4.53 -1.12
CA VAL A 10 -19.01 -4.08 -2.27
C VAL A 10 -19.96 -2.96 -1.88
N ASP A 11 -20.39 -2.95 -0.61
CA ASP A 11 -21.23 -1.87 -0.10
C ASP A 11 -20.55 -0.50 -0.26
N PHE A 12 -19.26 -0.45 0.04
CA PHE A 12 -18.48 0.77 -0.16
C PHE A 12 -18.43 1.15 -1.64
N LEU A 13 -17.90 0.24 -2.46
CA LEU A 13 -17.73 0.51 -3.88
C LEU A 13 -19.03 0.97 -4.53
N LEU A 14 -20.09 0.19 -4.34
CA LEU A 14 -21.38 0.55 -4.94
C LEU A 14 -21.89 1.87 -4.41
N SER A 15 -21.49 2.22 -3.19
CA SER A 15 -21.82 3.52 -2.64
C SER A 15 -21.05 4.62 -3.37
N VAL A 16 -19.77 4.36 -3.67
CA VAL A 16 -18.94 5.36 -4.35
C VAL A 16 -19.25 5.41 -5.84
N ILE A 17 -19.34 4.24 -6.47
CA ILE A 17 -19.81 4.17 -7.85
C ILE A 17 -21.14 4.88 -7.94
N GLY A 18 -22.01 4.61 -6.97
CA GLY A 18 -23.34 5.18 -6.94
C GLY A 18 -23.35 6.69 -6.83
N PHE A 19 -22.57 7.22 -5.90
CA PHE A 19 -22.45 8.66 -5.73
C PHE A 19 -21.94 9.31 -7.01
N ALA A 20 -20.88 8.76 -7.58
CA ALA A 20 -20.22 9.38 -8.74
C ALA A 20 -21.03 9.27 -10.04
N VAL A 21 -21.67 8.14 -10.28
CA VAL A 21 -22.45 8.01 -11.52
C VAL A 21 -23.82 8.65 -11.35
N ASP A 22 -24.02 9.68 -12.16
CA ASP A 22 -24.98 10.73 -11.90
C ASP A 22 -25.59 11.19 -13.22
N LEU A 23 -26.52 12.13 -13.18
CA LEU A 23 -27.15 12.59 -14.41
C LEU A 23 -26.17 13.33 -15.32
N ALA A 24 -25.15 13.94 -14.74
CA ALA A 24 -24.12 14.58 -15.54
C ALA A 24 -23.50 13.56 -16.49
N ASN A 25 -23.29 12.34 -16.00
CA ASN A 25 -22.76 11.26 -16.83
C ASN A 25 -23.57 11.07 -18.09
N VAL A 26 -24.87 11.28 -17.99
CA VAL A 26 -25.74 11.07 -19.13
C VAL A 26 -25.88 12.35 -19.97
N TRP A 27 -26.40 13.42 -19.39
CA TRP A 27 -26.69 14.59 -20.22
C TRP A 27 -25.50 15.51 -20.58
N ARG A 28 -24.47 15.64 -19.76
CA ARG A 28 -23.29 16.41 -20.18
C ARG A 28 -22.17 15.72 -21.02
N PHE A 29 -21.79 14.49 -20.69
CA PHE A 29 -20.60 13.91 -21.33
C PHE A 29 -20.75 13.65 -22.82
N PRO A 30 -21.80 12.90 -23.21
CA PRO A 30 -22.01 12.65 -24.65
C PRO A 30 -22.09 13.94 -25.44
N TYR A 31 -22.76 14.95 -24.88
CA TYR A 31 -22.85 16.22 -25.57
C TYR A 31 -21.46 16.85 -25.75
N LEU A 32 -20.59 16.71 -24.74
CA LEU A 32 -19.26 17.29 -24.85
C LEU A 32 -18.43 16.65 -25.94
N CYS A 33 -18.57 15.33 -26.10
CA CYS A 33 -17.94 14.63 -27.21
C CYS A 33 -18.44 15.20 -28.52
N TYR A 34 -19.76 15.18 -28.71
CA TYR A 34 -20.39 15.70 -29.91
C TYR A 34 -19.91 17.12 -30.23
N LYS A 35 -19.93 17.98 -29.21
CA LYS A 35 -19.53 19.38 -29.32
C LYS A 35 -18.06 19.59 -29.69
N ASN A 36 -17.15 18.89 -29.02
CA ASN A 36 -15.72 19.02 -29.32
C ASN A 36 -15.08 17.78 -29.90
N GLY A 37 -14.79 17.81 -31.19
CA GLY A 37 -13.99 16.80 -31.84
C GLY A 37 -14.41 15.34 -31.80
N GLY A 38 -15.66 15.06 -31.45
CA GLY A 38 -16.12 13.69 -31.36
C GLY A 38 -15.22 12.80 -30.53
N GLY A 39 -14.87 11.64 -31.08
CA GLY A 39 -13.99 10.70 -30.38
C GLY A 39 -12.68 11.33 -29.92
N ALA A 40 -12.23 12.36 -30.63
CA ALA A 40 -10.99 13.04 -30.27
C ALA A 40 -11.09 13.74 -28.91
N PHE A 41 -12.31 14.10 -28.52
CA PHE A 41 -12.51 14.76 -27.22
C PHE A 41 -11.96 13.89 -26.10
N LEU A 42 -11.95 12.58 -26.32
CA LEU A 42 -11.47 11.64 -25.33
C LEU A 42 -9.99 11.86 -25.01
N VAL A 43 -9.24 12.47 -25.93
CA VAL A 43 -7.84 12.76 -25.67
C VAL A 43 -7.63 13.81 -24.57
N PRO A 44 -8.22 15.01 -24.72
CA PRO A 44 -8.12 16.04 -23.68
C PRO A 44 -8.88 15.62 -22.41
N TYR A 45 -10.00 14.94 -22.59
CA TYR A 45 -10.78 14.40 -21.50
C TYR A 45 -9.98 13.40 -20.68
N GLY A 46 -9.24 12.53 -21.38
CA GLY A 46 -8.47 11.48 -20.72
C GLY A 46 -7.24 12.00 -20.00
N ILE A 47 -6.57 12.96 -20.62
CA ILE A 47 -5.43 13.60 -19.98
C ILE A 47 -5.87 14.36 -18.73
N MET A 48 -6.96 15.11 -18.85
CA MET A 48 -7.50 15.88 -17.73
CA MET A 48 -7.47 15.87 -17.71
C MET A 48 -7.95 14.94 -16.61
N LEU A 49 -8.35 13.75 -17.00
CA LEU A 49 -8.80 12.74 -16.06
C LEU A 49 -7.59 12.16 -15.33
N ALA A 50 -6.51 11.96 -16.07
CA ALA A 50 -5.30 11.37 -15.52
C ALA A 50 -4.56 12.31 -14.57
N VAL A 51 -4.23 13.51 -15.04
CA VAL A 51 -3.49 14.47 -14.21
C VAL A 51 -4.32 15.23 -13.16
N GLY A 52 -5.42 15.86 -13.57
CA GLY A 52 -6.30 16.51 -12.62
C GLY A 52 -7.33 15.71 -11.84
N GLY A 53 -8.12 14.92 -12.55
CA GLY A 53 -9.31 14.34 -11.95
C GLY A 53 -9.08 13.30 -10.89
N ILE A 54 -8.40 12.23 -11.27
CA ILE A 54 -8.26 11.07 -10.40
C ILE A 54 -7.40 11.37 -9.18
N PRO A 55 -6.28 12.09 -9.35
CA PRO A 55 -5.48 12.46 -8.19
C PRO A 55 -6.27 13.15 -7.08
N LEU A 56 -7.22 14.02 -7.45
CA LEU A 56 -8.05 14.65 -6.43
C LEU A 56 -8.95 13.60 -5.78
N PHE A 57 -9.67 12.87 -6.63
CA PHE A 57 -10.53 11.75 -6.25
C PHE A 57 -9.84 10.73 -5.34
N TYR A 58 -8.63 10.33 -5.73
CA TYR A 58 -7.79 9.44 -4.94
C TYR A 58 -7.47 10.07 -3.58
N MET A 59 -7.08 11.35 -3.61
CA MET A 59 -6.70 12.08 -2.41
C MET A 59 -7.79 12.04 -1.34
N GLU A 60 -8.99 12.41 -1.75
CA GLU A 60 -10.10 12.54 -0.82
C GLU A 60 -10.45 11.20 -0.18
N LEU A 61 -10.38 10.13 -0.97
CA LEU A 61 -10.69 8.79 -0.48
C LEU A 61 -9.64 8.34 0.55
N ALA A 62 -8.37 8.57 0.22
CA ALA A 62 -7.26 8.21 1.11
C ALA A 62 -7.37 8.93 2.46
N LEU A 63 -7.54 10.25 2.41
CA LEU A 63 -7.73 11.04 3.62
C LEU A 63 -8.90 10.58 4.46
N GLY A 64 -9.99 10.24 3.80
CA GLY A 64 -11.21 9.87 4.49
C GLY A 64 -11.04 8.58 5.24
N GLN A 65 -10.29 7.67 4.63
CA GLN A 65 -10.04 6.37 5.23
C GLN A 65 -9.04 6.46 6.38
N HIS A 66 -8.02 7.28 6.19
CA HIS A 66 -6.88 7.27 7.10
C HIS A 66 -7.16 8.03 8.40
N ASN A 67 -7.91 9.11 8.30
CA ASN A 67 -8.21 9.91 9.48
C ASN A 67 -9.48 9.44 10.16
N ARG A 68 -10.19 8.53 9.49
CA ARG A 68 -11.27 7.77 10.11
C ARG A 68 -12.31 8.69 10.74
N LYS A 69 -12.47 9.88 10.17
CA LYS A 69 -13.42 10.88 10.63
C LYS A 69 -14.05 11.63 9.44
N GLY A 70 -15.20 12.27 9.66
CA GLY A 70 -15.90 13.01 8.62
C GLY A 70 -15.17 14.28 8.22
N ALA A 71 -15.79 15.10 7.37
CA ALA A 71 -15.08 16.20 6.75
C ALA A 71 -14.61 17.27 7.73
N ILE A 72 -15.50 17.68 8.64
CA ILE A 72 -15.18 18.72 9.62
C ILE A 72 -14.03 18.31 10.54
N THR A 73 -14.21 17.17 11.18
CA THR A 73 -13.21 16.63 12.09
C THR A 73 -11.89 16.32 11.36
N CYS A 74 -12.00 15.65 10.23
CA CYS A 74 -10.83 15.22 9.47
C CYS A 74 -9.90 16.39 9.15
N TRP A 75 -10.47 17.48 8.65
CA TRP A 75 -9.65 18.63 8.35
C TRP A 75 -9.22 19.34 9.64
N GLY A 76 -10.01 19.14 10.70
CA GLY A 76 -9.63 19.65 12.00
C GLY A 76 -8.37 18.97 12.46
N ARG A 77 -8.29 17.66 12.24
CA ARG A 77 -7.18 16.85 12.72
C ARG A 77 -5.97 16.88 11.78
N LEU A 78 -6.17 17.44 10.60
CA LEU A 78 -5.16 17.45 9.55
C LEU A 78 -4.33 18.74 9.61
N VAL A 79 -5.00 19.86 9.34
CA VAL A 79 -4.43 21.19 9.51
C VAL A 79 -5.44 22.07 10.24
N PRO A 80 -5.40 22.09 11.59
CA PRO A 80 -6.41 22.78 12.42
C PRO A 80 -6.72 24.21 11.96
N LEU A 81 -5.71 24.92 11.47
CA LEU A 81 -5.89 26.25 10.91
C LEU A 81 -6.97 26.23 9.84
N PHE A 82 -6.88 25.21 8.99
CA PHE A 82 -7.72 25.07 7.82
C PHE A 82 -8.95 24.21 8.05
N LYS A 83 -9.23 23.88 9.31
CA LYS A 83 -10.44 23.16 9.64
C LYS A 83 -11.69 23.78 9.00
N GLY A 84 -11.64 25.08 8.72
CA GLY A 84 -12.69 25.74 7.98
C GLY A 84 -13.07 25.04 6.68
N ILE A 85 -12.06 24.50 6.01
CA ILE A 85 -12.23 23.71 4.80
C ILE A 85 -13.32 22.65 4.99
N GLY A 86 -13.26 21.95 6.12
CA GLY A 86 -14.22 20.92 6.42
C GLY A 86 -15.60 21.52 6.48
N TYR A 87 -15.69 22.68 7.12
CA TYR A 87 -16.94 23.40 7.20
C TYR A 87 -17.44 23.77 5.81
N ALA A 88 -16.57 24.40 5.01
CA ALA A 88 -16.94 24.83 3.67
C ALA A 88 -17.53 23.69 2.87
N VAL A 89 -16.77 22.62 2.77
CA VAL A 89 -17.17 21.46 2.00
C VAL A 89 -18.51 20.90 2.45
N VAL A 90 -18.70 20.75 3.77
CA VAL A 90 -19.96 20.23 4.30
C VAL A 90 -21.13 21.19 4.02
N LEU A 91 -20.80 22.48 3.99
CA LEU A 91 -21.78 23.52 3.76
C LEU A 91 -22.30 23.51 2.32
N ILE A 92 -21.36 23.44 1.38
CA ILE A 92 -21.66 23.26 -0.04
C ILE A 92 -22.59 22.06 -0.31
N ALA A 93 -22.27 20.92 0.28
CA ALA A 93 -23.12 19.74 0.17
C ALA A 93 -24.52 20.05 0.67
N PHE A 94 -24.58 20.88 1.72
CA PHE A 94 -25.85 21.28 2.32
C PHE A 94 -26.76 22.01 1.33
N TYR A 95 -26.23 23.09 0.75
CA TYR A 95 -26.99 23.90 -0.21
C TYR A 95 -27.49 23.08 -1.40
N VAL A 96 -26.64 22.20 -1.89
CA VAL A 96 -26.96 21.39 -3.06
C VAL A 96 -28.18 20.49 -2.81
N ASP A 97 -28.27 19.92 -1.61
CA ASP A 97 -29.38 19.04 -1.28
C ASP A 97 -30.73 19.76 -1.44
N PHE A 98 -30.70 21.09 -1.39
CA PHE A 98 -31.91 21.88 -1.57
C PHE A 98 -32.49 21.79 -2.97
N TYR A 99 -31.69 22.08 -3.99
CA TYR A 99 -32.18 22.02 -5.37
C TYR A 99 -32.02 20.69 -6.10
N TYR A 100 -31.19 19.79 -5.59
CA TYR A 100 -30.79 18.68 -6.42
C TYR A 100 -31.85 17.60 -6.47
N ASN A 101 -32.51 17.41 -5.33
CA ASN A 101 -33.52 16.36 -5.22
C ASN A 101 -34.73 16.66 -6.08
N VAL A 102 -34.89 17.90 -6.51
CA VAL A 102 -36.03 18.21 -7.35
C VAL A 102 -35.85 17.53 -8.71
N ILE A 103 -34.62 17.18 -9.05
CA ILE A 103 -34.40 16.46 -10.31
C ILE A 103 -35.00 15.07 -10.21
N ILE A 104 -34.80 14.43 -9.07
CA ILE A 104 -35.34 13.10 -8.86
C ILE A 104 -36.85 13.19 -8.83
N ALA A 105 -37.36 14.29 -8.29
CA ALA A 105 -38.79 14.52 -8.23
C ALA A 105 -39.41 14.62 -9.63
N TRP A 106 -38.75 15.35 -10.51
CA TRP A 106 -39.20 15.46 -11.90
C TRP A 106 -39.20 14.09 -12.55
N SER A 107 -38.16 13.31 -12.26
CA SER A 107 -38.06 11.95 -12.75
C SER A 107 -39.24 11.09 -12.28
N LEU A 108 -39.57 11.15 -10.99
CA LEU A 108 -40.69 10.40 -10.47
C LEU A 108 -41.97 10.90 -11.07
N ARG A 109 -42.02 12.20 -11.33
CA ARG A 109 -43.21 12.81 -11.89
C ARG A 109 -43.51 12.29 -13.29
N PHE A 110 -42.49 12.13 -14.11
CA PHE A 110 -42.66 11.59 -15.46
C PHE A 110 -42.93 10.10 -15.44
N PHE A 111 -42.41 9.42 -14.44
CA PHE A 111 -42.68 8.00 -14.23
C PHE A 111 -44.17 7.78 -13.92
N PHE A 112 -44.72 8.53 -12.96
CA PHE A 112 -46.15 8.43 -12.65
C PHE A 112 -46.98 8.81 -13.86
N ALA A 113 -46.42 9.69 -14.70
CA ALA A 113 -47.14 10.19 -15.87
C ALA A 113 -47.02 9.20 -17.02
N SER A 114 -46.18 8.20 -16.83
CA SER A 114 -45.85 7.26 -17.88
C SER A 114 -46.73 6.02 -17.88
N PHE A 115 -47.73 5.95 -17.00
CA PHE A 115 -48.58 4.78 -17.11
C PHE A 115 -49.75 5.13 -18.02
N THR A 116 -49.69 4.61 -19.24
CA THR A 116 -50.67 4.92 -20.28
C THR A 116 -50.29 4.30 -21.61
N ASN A 117 -51.29 4.21 -22.47
CA ASN A 117 -51.25 3.64 -23.82
C ASN A 117 -50.67 4.68 -24.76
N SER A 118 -50.98 5.94 -24.47
CA SER A 118 -50.50 7.08 -25.23
C SER A 118 -49.85 8.11 -24.31
N LEU A 119 -48.53 8.29 -24.46
CA LEU A 119 -47.76 9.24 -23.67
C LEU A 119 -48.19 10.67 -23.97
N PRO A 120 -48.47 11.44 -22.92
CA PRO A 120 -49.08 12.77 -23.02
C PRO A 120 -48.26 13.77 -23.85
N TRP A 121 -46.95 13.57 -23.93
CA TRP A 121 -46.09 14.57 -24.58
C TRP A 121 -45.90 14.37 -26.07
N THR A 122 -46.62 13.41 -26.65
CA THR A 122 -46.49 13.15 -28.08
C THR A 122 -47.07 14.27 -28.93
N SER A 123 -48.30 14.68 -28.65
CA SER A 123 -48.96 15.57 -29.58
C SER A 123 -49.06 17.04 -29.18
N CYS A 124 -49.53 17.82 -30.14
CA CYS A 124 -49.68 19.27 -30.03
C CYS A 124 -51.09 19.81 -29.73
N ASN A 125 -52.07 18.93 -29.53
CA ASN A 125 -53.46 19.35 -29.35
C ASN A 125 -54.02 19.45 -27.91
N ASN A 126 -53.17 19.28 -26.90
CA ASN A 126 -53.60 19.39 -25.49
C ASN A 126 -53.86 20.83 -24.97
N ILE A 127 -54.59 20.95 -23.85
CA ILE A 127 -54.95 22.27 -23.32
C ILE A 127 -53.77 23.16 -22.97
N TRP A 128 -52.63 22.56 -22.68
CA TRP A 128 -51.46 23.30 -22.25
C TRP A 128 -50.63 23.80 -23.42
N ASN A 129 -50.93 23.29 -24.61
CA ASN A 129 -50.17 23.64 -25.80
C ASN A 129 -50.48 25.05 -26.30
N THR A 130 -49.57 25.56 -27.10
CA THR A 130 -49.73 26.86 -27.74
C THR A 130 -49.76 26.62 -29.24
N PRO A 131 -50.33 27.57 -29.99
CA PRO A 131 -50.44 27.49 -31.45
C PRO A 131 -49.08 27.38 -32.14
N ASN A 132 -48.01 27.70 -31.43
CA ASN A 132 -46.68 27.69 -31.99
C ASN A 132 -46.00 26.35 -31.79
N CYS A 133 -46.68 25.46 -31.07
CA CYS A 133 -46.13 24.12 -30.85
C CYS A 133 -45.93 23.38 -32.17
N ARG A 134 -44.84 22.63 -32.27
CA ARG A 134 -44.64 21.72 -33.38
C ARG A 134 -44.25 20.38 -32.81
N PRO A 135 -44.38 19.31 -33.61
CA PRO A 135 -44.19 17.96 -33.07
C PRO A 135 -42.77 17.68 -32.57
N PHE A 136 -41.73 18.12 -33.29
CA PHE A 136 -40.37 17.83 -32.84
C PHE A 136 -39.49 19.08 -32.81
N GLU A 137 -38.34 18.98 -32.16
CA GLU A 137 -37.46 20.13 -31.95
C GLU A 137 -37.11 20.92 -33.21
N GLY A 138 -37.09 22.24 -33.08
CA GLY A 138 -36.59 23.12 -34.12
C GLY A 138 -35.58 24.14 -33.60
N HIS A 139 -34.98 24.89 -34.52
CA HIS A 139 -33.99 25.92 -34.17
C HIS A 139 -34.54 27.34 -34.03
N VAL A 140 -35.86 27.50 -34.14
CA VAL A 140 -36.49 28.79 -33.84
C VAL A 140 -37.10 28.83 -32.42
N GLU A 141 -36.72 29.84 -31.64
CA GLU A 141 -37.00 29.84 -30.20
C GLU A 141 -38.47 30.07 -29.86
N GLY A 142 -39.20 30.75 -30.74
CA GLY A 142 -40.61 31.01 -30.49
C GLY A 142 -41.48 29.78 -30.60
N PHE A 143 -40.98 28.75 -31.26
CA PHE A 143 -41.77 27.56 -31.54
C PHE A 143 -41.17 26.29 -30.94
N GLN A 144 -41.90 25.71 -30.01
CA GLN A 144 -41.38 24.63 -29.18
C GLN A 144 -41.97 23.28 -29.54
N SER A 145 -41.17 22.23 -29.33
CA SER A 145 -41.63 20.86 -29.59
C SER A 145 -42.77 20.48 -28.66
N ALA A 146 -43.57 19.50 -29.05
CA ALA A 146 -44.69 19.08 -28.23
C ALA A 146 -44.22 18.58 -26.88
N ALA A 147 -43.00 18.04 -26.84
CA ALA A 147 -42.42 17.53 -25.59
C ALA A 147 -41.90 18.65 -24.71
N SER A 148 -41.41 19.72 -25.34
CA SER A 148 -40.92 20.88 -24.60
C SER A 148 -42.05 21.63 -23.90
N GLU A 149 -43.22 21.70 -24.54
CA GLU A 149 -44.35 22.40 -23.94
C GLU A 149 -44.99 21.57 -22.84
N TYR A 150 -44.95 20.25 -23.00
CA TYR A 150 -45.47 19.36 -21.96
C TYR A 150 -44.70 19.61 -20.67
N PHE A 151 -43.38 19.65 -20.78
CA PHE A 151 -42.52 19.85 -19.63
C PHE A 151 -42.67 21.26 -19.08
N ASN A 152 -42.70 22.22 -19.98
CA ASN A 152 -42.75 23.61 -19.59
C ASN A 152 -44.14 24.10 -19.15
N ARG A 153 -45.17 23.81 -19.95
CA ARG A 153 -46.48 24.41 -19.68
C ARG A 153 -47.39 23.54 -18.82
N TYR A 154 -47.01 22.28 -18.61
CA TYR A 154 -47.84 21.33 -17.86
C TYR A 154 -47.17 20.84 -16.56
N ILE A 155 -46.05 20.16 -16.70
CA ILE A 155 -45.27 19.70 -15.55
C ILE A 155 -44.73 20.84 -14.69
N LEU A 156 -43.97 21.73 -15.30
CA LEU A 156 -43.38 22.87 -14.61
C LEU A 156 -44.35 24.05 -14.40
N GLU A 157 -45.13 24.36 -15.44
CA GLU A 157 -45.97 25.56 -15.48
C GLU A 157 -45.11 26.83 -15.35
N LEU A 158 -43.90 26.77 -15.89
CA LEU A 158 -42.97 27.89 -15.83
C LEU A 158 -43.45 29.07 -16.63
N ASN A 159 -44.40 28.83 -17.54
CA ASN A 159 -44.87 29.88 -18.40
C ASN A 159 -45.69 30.88 -17.61
N ARG A 160 -46.05 30.48 -16.38
CA ARG A 160 -46.90 31.27 -15.50
C ARG A 160 -46.11 32.14 -14.51
N SER A 161 -44.79 32.06 -14.60
CA SER A 161 -43.92 32.82 -13.71
C SER A 161 -43.17 33.89 -14.50
N GLU A 162 -43.15 35.10 -13.95
CA GLU A 162 -42.54 36.23 -14.64
C GLU A 162 -41.06 36.36 -14.32
N GLY A 163 -40.56 35.45 -13.50
CA GLY A 163 -39.17 35.47 -13.08
C GLY A 163 -39.02 34.89 -11.68
N ILE A 164 -37.85 35.07 -11.07
CA ILE A 164 -37.63 34.54 -9.73
C ILE A 164 -38.45 35.31 -8.70
N HIS A 165 -38.63 36.61 -8.92
CA HIS A 165 -39.49 37.42 -8.06
C HIS A 165 -40.91 36.87 -7.99
N ASP A 166 -41.41 36.35 -9.10
CA ASP A 166 -42.73 35.73 -9.08
C ASP A 166 -42.59 34.22 -9.07
N LEU A 167 -42.80 33.61 -7.91
CA LEU A 167 -42.73 32.16 -7.78
C LEU A 167 -44.03 31.47 -8.15
N GLY A 168 -45.15 32.05 -7.72
CA GLY A 168 -46.46 31.52 -8.04
C GLY A 168 -46.93 30.39 -7.14
N ALA A 169 -47.98 29.69 -7.58
CA ALA A 169 -48.59 28.63 -6.77
C ALA A 169 -47.68 27.44 -6.58
N ILE A 170 -47.88 26.74 -5.46
CA ILE A 170 -47.18 25.49 -5.21
C ILE A 170 -47.87 24.36 -5.95
N LYS A 171 -47.14 23.67 -6.82
CA LYS A 171 -47.71 22.52 -7.50
C LYS A 171 -47.66 21.35 -6.54
N TRP A 172 -48.82 20.80 -6.18
CA TRP A 172 -48.81 19.83 -5.11
C TRP A 172 -48.50 18.43 -5.64
N ASP A 173 -48.53 18.25 -6.96
CA ASP A 173 -48.08 16.97 -7.52
C ASP A 173 -46.56 16.88 -7.40
N MET A 174 -45.89 18.01 -7.56
CA MET A 174 -44.45 18.04 -7.39
C MET A 174 -44.07 18.03 -5.93
N ALA A 175 -44.83 18.76 -5.12
CA ALA A 175 -44.62 18.76 -3.67
C ALA A 175 -44.70 17.33 -3.15
N LEU A 176 -45.69 16.60 -3.67
CA LEU A 176 -45.89 15.20 -3.30
C LEU A 176 -44.74 14.37 -3.81
N CYS A 177 -44.28 14.67 -5.03
CA CYS A 177 -43.17 13.94 -5.62
C CYS A 177 -41.89 14.15 -4.83
N LEU A 178 -41.60 15.41 -4.51
CA LEU A 178 -40.41 15.74 -3.77
C LEU A 178 -40.39 15.03 -2.42
N LEU A 179 -41.55 14.93 -1.78
CA LEU A 179 -41.68 14.21 -0.51
C LEU A 179 -41.25 12.75 -0.63
N ILE A 180 -41.86 12.03 -1.58
CA ILE A 180 -41.54 10.64 -1.86
C ILE A 180 -40.03 10.47 -2.04
N VAL A 181 -39.38 11.47 -2.63
CA VAL A 181 -37.94 11.44 -2.76
C VAL A 181 -37.29 11.43 -1.37
N TYR A 182 -37.63 12.40 -0.53
CA TYR A 182 -37.03 12.48 0.80
C TYR A 182 -37.44 11.32 1.71
N LEU A 183 -38.60 10.72 1.45
CA LEU A 183 -38.99 9.53 2.19
C LEU A 183 -38.05 8.38 1.84
N ILE A 184 -37.79 8.21 0.55
CA ILE A 184 -36.84 7.21 0.07
C ILE A 184 -35.45 7.47 0.64
N CYS A 185 -35.03 8.73 0.63
CA CYS A 185 -33.72 9.05 1.19
C CYS A 185 -33.70 8.78 2.69
N TYR A 186 -34.84 8.94 3.35
CA TYR A 186 -34.88 8.81 4.79
C TYR A 186 -34.64 7.40 5.28
N PHE A 187 -35.35 6.44 4.70
CA PHE A 187 -35.26 5.06 5.14
C PHE A 187 -34.11 4.32 4.45
N SER A 188 -33.37 5.07 3.64
CA SER A 188 -32.08 4.65 3.11
C SER A 188 -30.99 5.07 4.10
N LEU A 189 -30.88 6.37 4.34
CA LEU A 189 -29.85 6.93 5.21
C LEU A 189 -30.18 6.81 6.70
N TRP A 190 -31.35 6.24 6.96
CA TRP A 190 -31.94 6.12 8.30
C TRP A 190 -31.02 5.63 9.40
N LYS A 191 -30.63 4.37 9.25
CA LYS A 191 -29.87 3.66 10.26
C LYS A 191 -28.38 3.70 9.98
N GLY A 192 -27.98 4.41 8.92
CA GLY A 192 -26.57 4.49 8.57
C GLY A 192 -26.18 3.47 7.53
N ILE A 193 -24.87 3.30 7.36
CA ILE A 193 -24.31 2.52 6.25
C ILE A 193 -24.73 1.06 6.27
N SER A 194 -25.23 0.60 7.40
CA SER A 194 -25.70 -0.77 7.55
C SER A 194 -26.79 -1.07 6.52
N THR A 195 -27.86 -0.27 6.57
CA THR A 195 -28.92 -0.34 5.55
C THR A 195 -28.60 0.43 4.27
N SER A 196 -28.05 1.64 4.42
CA SER A 196 -27.71 2.49 3.28
C SER A 196 -26.84 1.73 2.29
N GLY A 197 -25.76 1.17 2.81
CA GLY A 197 -24.82 0.40 2.01
C GLY A 197 -25.45 -0.74 1.24
N LYS A 198 -26.60 -1.23 1.70
CA LYS A 198 -27.35 -2.23 0.95
C LYS A 198 -28.19 -1.61 -0.13
N VAL A 199 -28.87 -0.51 0.20
CA VAL A 199 -29.81 0.09 -0.73
C VAL A 199 -29.13 0.47 -2.05
N VAL A 200 -27.87 0.86 -1.96
CA VAL A 200 -27.15 1.29 -3.15
C VAL A 200 -27.02 0.16 -4.16
N TRP A 201 -27.31 -1.06 -3.73
CA TRP A 201 -27.22 -2.20 -4.64
C TRP A 201 -28.21 -2.05 -5.78
N PHE A 202 -29.45 -1.68 -5.44
CA PHE A 202 -30.46 -1.43 -6.46
C PHE A 202 -30.15 -0.15 -7.23
N THR A 203 -29.95 0.93 -6.50
CA THR A 203 -29.85 2.26 -7.10
C THR A 203 -28.54 2.48 -7.86
N ALA A 204 -27.48 1.79 -7.49
CA ALA A 204 -26.27 1.81 -8.29
C ALA A 204 -26.34 0.84 -9.48
N LEU A 205 -26.89 -0.36 -9.25
CA LEU A 205 -26.91 -1.40 -10.29
C LEU A 205 -28.05 -1.26 -11.31
N PHE A 206 -29.19 -0.75 -10.87
CA PHE A 206 -30.36 -0.62 -11.73
C PHE A 206 -30.07 0.08 -13.07
N PRO A 207 -29.39 1.24 -13.01
CA PRO A 207 -29.13 2.03 -14.21
C PRO A 207 -28.40 1.27 -15.29
N TYR A 208 -27.63 0.26 -14.90
CA TYR A 208 -26.85 -0.49 -15.87
C TYR A 208 -27.74 -1.51 -16.61
N ALA A 209 -28.71 -2.07 -15.90
CA ALA A 209 -29.72 -2.90 -16.54
C ALA A 209 -30.49 -2.08 -17.54
N VAL A 210 -30.91 -0.89 -17.12
CA VAL A 210 -31.72 -0.04 -17.99
C VAL A 210 -30.87 0.56 -19.10
N LEU A 211 -29.59 0.81 -18.83
CA LEU A 211 -28.70 1.25 -19.90
C LEU A 211 -28.55 0.13 -20.93
N LEU A 212 -28.50 -1.10 -20.45
CA LEU A 212 -28.32 -2.25 -21.34
C LEU A 212 -29.49 -2.40 -22.30
N ILE A 213 -30.69 -2.47 -21.75
CA ILE A 213 -31.90 -2.57 -22.57
C ILE A 213 -31.97 -1.44 -23.59
N LEU A 214 -31.77 -0.21 -23.14
CA LEU A 214 -31.87 0.94 -24.04
C LEU A 214 -30.69 1.02 -24.99
N LEU A 215 -29.57 0.41 -24.62
CA LEU A 215 -28.42 0.37 -25.54
C LEU A 215 -28.72 -0.53 -26.73
N ILE A 216 -29.36 -1.67 -26.47
CA ILE A 216 -29.81 -2.57 -27.51
C ILE A 216 -30.93 -1.95 -28.32
N ARG A 217 -31.94 -1.44 -27.61
CA ARG A 217 -33.10 -0.84 -28.26
C ARG A 217 -32.68 0.27 -29.19
N GLY A 218 -31.69 1.04 -28.74
CA GLY A 218 -31.23 2.21 -29.48
C GLY A 218 -30.43 1.83 -30.70
N LEU A 219 -29.65 0.77 -30.59
CA LEU A 219 -28.77 0.34 -31.68
C LEU A 219 -29.55 -0.43 -32.74
N THR A 220 -30.62 -1.12 -32.33
CA THR A 220 -31.48 -1.79 -33.28
C THR A 220 -32.37 -0.81 -34.08
N LEU A 221 -32.35 0.47 -33.72
CA LEU A 221 -33.18 1.49 -34.39
C LEU A 221 -32.58 2.02 -35.70
N PRO A 222 -33.43 2.24 -36.73
CA PRO A 222 -32.92 2.80 -37.98
C PRO A 222 -32.33 4.19 -37.77
N GLY A 223 -31.16 4.44 -38.34
CA GLY A 223 -30.49 5.71 -38.17
C GLY A 223 -29.52 5.71 -37.00
N SER A 224 -29.59 4.67 -36.18
CA SER A 224 -28.77 4.58 -34.97
C SER A 224 -27.28 4.67 -35.25
N PHE A 225 -26.85 4.24 -36.43
CA PHE A 225 -25.43 4.32 -36.75
C PHE A 225 -25.03 5.77 -37.06
N LEU A 226 -25.93 6.51 -37.67
CA LEU A 226 -25.70 7.92 -37.94
C LEU A 226 -25.42 8.64 -36.62
N GLY A 227 -26.13 8.22 -35.58
CA GLY A 227 -25.96 8.80 -34.26
C GLY A 227 -24.55 8.57 -33.75
N ILE A 228 -24.15 7.30 -33.67
CA ILE A 228 -22.81 6.96 -33.20
C ILE A 228 -21.75 7.68 -34.01
N GLN A 229 -22.11 8.03 -35.24
CA GLN A 229 -21.21 8.72 -36.14
C GLN A 229 -21.05 10.16 -35.68
N TYR A 230 -22.14 10.75 -35.21
CA TYR A 230 -22.13 12.11 -34.72
C TYR A 230 -21.45 12.21 -33.36
N TYR A 231 -21.66 11.19 -32.54
CA TYR A 231 -21.06 11.07 -31.22
C TYR A 231 -19.54 10.98 -31.28
N LEU A 232 -19.06 9.93 -31.95
CA LEU A 232 -17.65 9.58 -31.91
C LEU A 232 -16.77 9.99 -33.09
N THR A 233 -17.32 10.59 -34.15
CA THR A 233 -16.49 10.87 -35.33
C THR A 233 -15.35 11.84 -35.02
N PRO A 234 -14.12 11.35 -35.16
CA PRO A 234 -12.94 12.13 -34.78
C PRO A 234 -12.82 13.40 -35.58
N ASN A 235 -12.62 14.52 -34.89
CA ASN A 235 -12.01 15.70 -35.48
C ASN A 235 -11.02 16.27 -34.47
N PHE A 236 -9.74 16.27 -34.83
CA PHE A 236 -8.72 16.67 -33.85
C PHE A 236 -8.45 18.15 -33.94
N SER A 237 -9.17 18.82 -34.83
CA SER A 237 -9.13 20.27 -34.92
C SER A 237 -9.52 20.86 -33.58
N ALA A 238 -10.54 20.26 -32.96
CA ALA A 238 -11.07 20.72 -31.68
C ALA A 238 -10.01 20.68 -30.58
N ILE A 239 -9.19 19.63 -30.59
CA ILE A 239 -8.19 19.41 -29.56
C ILE A 239 -7.24 20.60 -29.42
N TYR A 240 -7.14 21.40 -30.48
CA TYR A 240 -6.24 22.56 -30.50
C TYR A 240 -6.81 23.74 -29.70
N LYS A 241 -8.13 23.73 -29.49
CA LYS A 241 -8.86 24.85 -28.86
C LYS A 241 -8.78 24.85 -27.32
N ALA A 242 -8.71 26.04 -26.73
CA ALA A 242 -8.69 26.18 -25.28
C ALA A 242 -10.04 25.79 -24.69
N GLU A 243 -11.11 26.15 -25.38
CA GLU A 243 -12.46 25.84 -24.92
C GLU A 243 -12.63 24.35 -24.71
N VAL A 244 -11.99 23.56 -25.56
CA VAL A 244 -12.14 22.11 -25.48
C VAL A 244 -11.43 21.56 -24.27
N TRP A 245 -10.23 22.08 -24.00
CA TRP A 245 -9.48 21.62 -22.85
C TRP A 245 -10.14 22.07 -21.55
N VAL A 246 -10.86 23.18 -21.61
CA VAL A 246 -11.58 23.66 -20.42
C VAL A 246 -12.82 22.82 -20.18
N ASP A 247 -13.48 22.43 -21.25
CA ASP A 247 -14.68 21.59 -21.16
C ASP A 247 -14.34 20.20 -20.65
N ALA A 248 -13.20 19.67 -21.10
CA ALA A 248 -12.75 18.36 -20.65
C ALA A 248 -12.39 18.42 -19.19
N ALA A 249 -11.54 19.38 -18.84
CA ALA A 249 -11.09 19.54 -17.46
C ALA A 249 -12.29 19.70 -16.54
N THR A 250 -13.23 20.50 -16.98
CA THR A 250 -14.33 20.87 -16.13
C THR A 250 -15.28 19.68 -15.91
N GLN A 251 -15.61 18.97 -16.99
CA GLN A 251 -16.48 17.80 -16.90
C GLN A 251 -15.87 16.74 -15.98
N VAL A 252 -14.58 16.52 -16.13
CA VAL A 252 -13.88 15.54 -15.31
C VAL A 252 -13.92 15.91 -13.83
N PHE A 253 -13.70 17.17 -13.51
CA PHE A 253 -13.70 17.59 -12.12
C PHE A 253 -15.08 17.41 -11.45
N PHE A 254 -16.15 17.83 -12.13
CA PHE A 254 -17.48 17.76 -11.55
C PHE A 254 -18.07 16.35 -11.61
N SER A 255 -17.47 15.49 -12.43
CA SER A 255 -17.99 14.13 -12.58
C SER A 255 -17.55 13.23 -11.42
N LEU A 256 -16.30 13.37 -10.99
CA LEU A 256 -15.77 12.48 -9.96
C LEU A 256 -16.15 12.91 -8.54
N GLY A 257 -16.74 14.10 -8.42
CA GLY A 257 -17.35 14.56 -7.19
C GLY A 257 -16.53 14.88 -5.96
N PRO A 258 -15.28 15.36 -6.13
CA PRO A 258 -14.54 15.79 -4.95
C PRO A 258 -15.05 17.15 -4.46
N GLY A 259 -14.95 17.40 -3.16
CA GLY A 259 -15.31 18.71 -2.63
C GLY A 259 -16.63 18.81 -1.88
N PHE A 260 -17.40 17.72 -1.81
CA PHE A 260 -18.57 17.68 -0.96
C PHE A 260 -18.35 16.99 0.38
N GLY A 261 -17.14 16.46 0.61
CA GLY A 261 -16.87 15.64 1.78
C GLY A 261 -17.59 14.29 1.73
N VAL A 262 -18.12 13.93 0.56
CA VAL A 262 -18.79 12.64 0.39
C VAL A 262 -17.80 11.48 0.26
N LEU A 263 -16.81 11.65 -0.61
CA LEU A 263 -15.75 10.66 -0.76
C LEU A 263 -15.03 10.49 0.56
N LEU A 264 -14.72 11.64 1.17
CA LEU A 264 -14.12 11.68 2.49
C LEU A 264 -14.93 10.87 3.49
N ALA A 265 -16.23 11.16 3.58
CA ALA A 265 -17.08 10.55 4.59
C ALA A 265 -17.23 9.05 4.37
N TYR A 266 -17.53 8.68 3.13
CA TYR A 266 -17.68 7.26 2.76
C TYR A 266 -16.46 6.42 3.12
N ALA A 267 -15.27 6.90 2.73
CA ALA A 267 -14.03 6.19 2.98
C ALA A 267 -13.71 6.05 4.46
N SER A 268 -14.27 6.94 5.28
CA SER A 268 -13.98 6.95 6.72
C SER A 268 -14.54 5.70 7.40
N TYR A 269 -15.42 5.00 6.70
CA TYR A 269 -15.99 3.76 7.22
C TYR A 269 -15.23 2.54 6.71
N ASN A 270 -14.15 2.77 5.97
CA ASN A 270 -13.29 1.69 5.50
C ASN A 270 -12.39 1.13 6.59
N LYS A 271 -12.03 -0.14 6.45
CA LYS A 271 -11.01 -0.73 7.32
C LYS A 271 -9.66 -0.12 6.96
N TYR A 272 -8.90 0.25 7.98
CA TYR A 272 -7.70 1.08 7.84
C TYR A 272 -6.72 0.57 6.77
N HIS A 273 -6.56 -0.74 6.69
CA HIS A 273 -5.54 -1.32 5.83
C HIS A 273 -6.02 -1.76 4.46
N ASN A 274 -7.29 -1.53 4.12
CA ASN A 274 -7.79 -1.95 2.80
C ASN A 274 -7.16 -1.10 1.70
N ASN A 275 -7.16 -1.61 0.46
CA ASN A 275 -6.38 -0.91 -0.54
C ASN A 275 -7.27 0.11 -1.21
N VAL A 276 -7.03 1.36 -0.86
CA VAL A 276 -7.88 2.45 -1.27
C VAL A 276 -7.49 2.84 -2.68
N TYR A 277 -6.20 2.73 -2.95
CA TYR A 277 -5.63 3.06 -4.25
C TYR A 277 -6.22 2.21 -5.36
N LYS A 278 -6.42 0.92 -5.08
CA LYS A 278 -7.11 0.04 -6.00
C LYS A 278 -8.54 0.53 -6.21
N ASP A 279 -9.18 0.90 -5.09
CA ASP A 279 -10.57 1.35 -5.08
C ASP A 279 -10.76 2.63 -5.89
N ALA A 280 -9.85 3.57 -5.74
CA ALA A 280 -9.98 4.85 -6.45
C ALA A 280 -9.90 4.62 -7.95
N LEU A 281 -8.96 3.81 -8.40
CA LEU A 281 -8.84 3.53 -9.82
C LEU A 281 -10.04 2.74 -10.40
N LEU A 282 -10.52 1.74 -9.65
CA LEU A 282 -11.65 0.95 -10.13
C LEU A 282 -12.92 1.80 -10.23
N THR A 283 -13.14 2.61 -9.20
CA THR A 283 -14.27 3.52 -9.13
C THR A 283 -14.24 4.61 -10.20
N SER A 284 -13.07 5.23 -10.37
CA SER A 284 -12.86 6.23 -11.43
C SER A 284 -13.28 5.69 -12.77
N PHE A 285 -12.72 4.53 -13.09
CA PHE A 285 -12.86 3.98 -14.42
C PHE A 285 -14.31 3.63 -14.70
N ILE A 286 -14.98 2.99 -13.75
CA ILE A 286 -16.39 2.64 -13.90
C ILE A 286 -17.23 3.88 -14.13
N ASN A 287 -16.78 5.00 -13.58
CA ASN A 287 -17.50 6.25 -13.75
C ASN A 287 -17.42 6.74 -15.19
N SER A 288 -16.22 6.84 -15.74
CA SER A 288 -16.07 7.31 -17.11
C SER A 288 -16.62 6.30 -18.12
N ALA A 289 -16.39 5.02 -17.87
CA ALA A 289 -16.93 3.97 -18.72
C ALA A 289 -18.44 4.12 -18.84
N THR A 290 -19.09 4.49 -17.75
CA THR A 290 -20.54 4.64 -17.76
C THR A 290 -20.97 5.79 -18.66
N SER A 291 -20.24 6.89 -18.59
CA SER A 291 -20.51 8.04 -19.45
C SER A 291 -20.33 7.69 -20.92
N PHE A 292 -19.26 6.95 -21.21
CA PHE A 292 -18.99 6.53 -22.59
C PHE A 292 -20.10 5.65 -23.12
N ILE A 293 -20.45 4.60 -22.38
CA ILE A 293 -21.60 3.75 -22.74
C ILE A 293 -22.86 4.57 -22.92
N ALA A 294 -23.14 5.43 -21.95
CA ALA A 294 -24.36 6.25 -21.96
C ALA A 294 -24.46 7.06 -23.25
N GLY A 295 -23.33 7.55 -23.73
CA GLY A 295 -23.27 8.31 -24.97
C GLY A 295 -23.91 7.54 -26.10
N PHE A 296 -23.63 6.25 -26.16
CA PHE A 296 -24.21 5.40 -27.19
C PHE A 296 -25.71 5.27 -27.02
N VAL A 297 -26.17 5.19 -25.77
CA VAL A 297 -27.61 5.05 -25.50
C VAL A 297 -28.38 6.25 -26.03
N ILE A 298 -27.75 7.41 -25.89
CA ILE A 298 -28.34 8.67 -26.28
C ILE A 298 -28.27 8.83 -27.78
N PHE A 299 -27.06 8.92 -28.31
CA PHE A 299 -26.89 9.31 -29.71
C PHE A 299 -27.41 8.29 -30.72
N SER A 300 -27.53 7.03 -30.32
CA SER A 300 -28.22 6.07 -31.19
C SER A 300 -29.65 6.54 -31.39
N VAL A 301 -30.33 6.88 -30.28
CA VAL A 301 -31.68 7.43 -30.33
C VAL A 301 -31.67 8.81 -31.00
N LEU A 302 -30.60 9.55 -30.77
CA LEU A 302 -30.47 10.87 -31.34
C LEU A 302 -30.40 10.78 -32.86
N GLY A 303 -29.74 9.73 -33.35
CA GLY A 303 -29.63 9.47 -34.78
C GLY A 303 -30.95 9.02 -35.39
N TYR A 304 -31.64 8.13 -34.71
CA TYR A 304 -32.98 7.69 -35.11
C TYR A 304 -33.89 8.88 -35.37
N MET A 305 -33.79 9.90 -34.53
CA MET A 305 -34.61 11.11 -34.65
C MET A 305 -34.24 11.93 -35.89
N ALA A 306 -32.94 12.08 -36.11
CA ALA A 306 -32.43 12.85 -37.24
C ALA A 306 -32.68 12.12 -38.56
N HIS A 307 -33.07 10.85 -38.48
CA HIS A 307 -33.26 10.03 -39.67
C HIS A 307 -34.73 9.89 -40.02
N THR A 308 -35.47 9.17 -39.18
CA THR A 308 -36.89 8.95 -39.46
C THR A 308 -37.77 10.16 -39.10
N LEU A 309 -37.36 10.96 -38.11
CA LEU A 309 -38.24 12.03 -37.63
C LEU A 309 -37.98 13.40 -38.27
N GLY A 310 -36.95 13.50 -39.11
CA GLY A 310 -36.69 14.72 -39.85
C GLY A 310 -36.36 15.95 -39.02
N VAL A 311 -35.35 15.83 -38.16
CA VAL A 311 -34.90 16.95 -37.34
C VAL A 311 -33.42 17.16 -37.54
N ARG A 312 -32.94 18.40 -37.41
CA ARG A 312 -31.53 18.64 -37.58
C ARG A 312 -30.81 18.23 -36.30
N ILE A 313 -29.65 17.60 -36.44
CA ILE A 313 -28.97 16.98 -35.29
C ILE A 313 -28.63 18.00 -34.21
N GLU A 314 -28.22 19.19 -34.64
CA GLU A 314 -27.79 20.22 -33.71
C GLU A 314 -28.96 20.69 -32.86
N ASP A 315 -30.19 20.43 -33.32
CA ASP A 315 -31.38 20.85 -32.60
C ASP A 315 -31.74 19.91 -31.45
N VAL A 316 -31.56 18.61 -31.66
CA VAL A 316 -31.84 17.62 -30.61
C VAL A 316 -30.65 17.23 -29.73
N ALA A 317 -29.43 17.62 -30.10
CA ALA A 317 -28.28 17.23 -29.31
C ALA A 317 -27.96 18.35 -28.33
N THR A 318 -28.22 18.09 -27.06
CA THR A 318 -28.24 19.15 -26.05
C THR A 318 -27.82 18.61 -24.70
N GLU A 319 -27.48 19.50 -23.79
CA GLU A 319 -27.05 19.05 -22.47
C GLU A 319 -28.09 19.41 -21.45
N GLY A 320 -27.86 19.02 -20.20
CA GLY A 320 -28.78 19.37 -19.12
C GLY A 320 -30.16 18.74 -19.24
N PRO A 321 -31.07 19.14 -18.36
CA PRO A 321 -32.39 18.52 -18.20
C PRO A 321 -33.19 18.39 -19.49
N GLY A 322 -32.95 19.28 -20.44
CA GLY A 322 -33.66 19.24 -21.70
C GLY A 322 -33.52 17.93 -22.45
N LEU A 323 -32.32 17.37 -22.44
CA LEU A 323 -32.05 16.11 -23.13
C LEU A 323 -32.93 15.01 -22.56
N VAL A 324 -32.94 14.93 -21.24
CA VAL A 324 -33.57 13.85 -20.53
C VAL A 324 -35.09 13.99 -20.38
N PHE A 325 -35.59 15.19 -20.12
CA PHE A 325 -37.05 15.38 -19.95
C PHE A 325 -37.78 15.86 -21.20
N VAL A 326 -37.06 16.13 -22.27
CA VAL A 326 -37.73 16.65 -23.45
C VAL A 326 -37.34 15.87 -24.71
N VAL A 327 -36.06 15.93 -25.08
CA VAL A 327 -35.58 15.31 -26.32
C VAL A 327 -35.68 13.77 -26.40
N TYR A 328 -35.15 13.08 -25.40
CA TYR A 328 -35.15 11.62 -25.42
C TYR A 328 -36.57 11.03 -25.32
N PRO A 329 -37.40 11.55 -24.42
CA PRO A 329 -38.77 11.04 -24.33
C PRO A 329 -39.57 11.31 -25.59
N ALA A 330 -39.09 12.24 -26.41
CA ALA A 330 -39.74 12.54 -27.67
C ALA A 330 -39.55 11.39 -28.65
N ALA A 331 -38.33 10.86 -28.69
CA ALA A 331 -38.00 9.72 -29.54
C ALA A 331 -38.71 8.46 -29.05
N ILE A 332 -38.65 8.24 -27.76
CA ILE A 332 -39.26 7.09 -27.11
C ILE A 332 -40.73 6.94 -27.49
N ALA A 333 -41.44 8.05 -27.62
CA ALA A 333 -42.89 7.98 -27.84
C ALA A 333 -43.22 7.60 -29.27
N THR A 334 -42.26 7.79 -30.16
CA THR A 334 -42.42 7.42 -31.56
C THR A 334 -42.21 5.92 -31.81
N MET A 335 -41.47 5.26 -30.94
CA MET A 335 -41.15 3.85 -31.13
C MET A 335 -42.17 2.90 -30.48
N PRO A 336 -42.23 1.66 -31.00
CA PRO A 336 -43.09 0.59 -30.47
C PRO A 336 -42.73 0.25 -29.02
N ALA A 337 -43.74 -0.03 -28.22
CA ALA A 337 -43.55 -0.33 -26.80
C ALA A 337 -43.02 0.89 -26.05
N SER A 338 -43.43 2.07 -26.52
CA SER A 338 -43.01 3.34 -25.94
C SER A 338 -43.17 3.35 -24.41
N THR A 339 -44.35 2.97 -23.93
CA THR A 339 -44.64 2.97 -22.50
C THR A 339 -43.59 2.23 -21.66
N PHE A 340 -43.05 1.15 -22.22
CA PHE A 340 -42.04 0.39 -21.51
C PHE A 340 -40.71 1.13 -21.47
N TRP A 341 -40.29 1.68 -22.61
CA TRP A 341 -39.07 2.46 -22.68
C TRP A 341 -39.16 3.67 -21.73
N ALA A 342 -40.31 4.31 -21.70
CA ALA A 342 -40.53 5.46 -20.82
C ALA A 342 -40.35 5.09 -19.35
N LEU A 343 -41.08 4.09 -18.88
CA LEU A 343 -41.03 3.73 -17.46
C LEU A 343 -39.62 3.38 -17.02
N ILE A 344 -38.92 2.54 -17.78
CA ILE A 344 -37.58 2.14 -17.35
C ILE A 344 -36.62 3.31 -17.49
N PHE A 345 -36.85 4.17 -18.49
CA PHE A 345 -35.99 5.32 -18.68
C PHE A 345 -36.05 6.26 -17.50
N PHE A 346 -37.27 6.57 -17.05
CA PHE A 346 -37.45 7.49 -15.95
C PHE A 346 -37.02 6.89 -14.63
N MET A 347 -37.29 5.60 -14.46
CA MET A 347 -36.82 4.93 -13.24
C MET A 347 -35.30 5.01 -13.20
N MET A 348 -34.64 4.83 -14.35
CA MET A 348 -33.18 4.92 -14.43
C MET A 348 -32.72 6.29 -13.98
N LEU A 349 -33.44 7.32 -14.40
CA LEU A 349 -33.09 8.68 -14.03
C LEU A 349 -33.15 8.85 -12.51
N ALA A 350 -34.27 8.43 -11.92
CA ALA A 350 -34.44 8.57 -10.48
C ALA A 350 -33.35 7.82 -9.73
N THR A 351 -33.07 6.60 -10.17
CA THR A 351 -32.08 5.76 -9.51
C THR A 351 -30.65 6.21 -9.84
N LEU A 352 -30.50 6.99 -10.89
CA LEU A 352 -29.20 7.60 -11.18
C LEU A 352 -28.92 8.69 -10.17
N GLY A 353 -29.96 9.43 -9.80
CA GLY A 353 -29.81 10.59 -8.95
C GLY A 353 -29.83 10.31 -7.47
N LEU A 354 -30.50 9.23 -7.08
CA LEU A 354 -30.67 8.91 -5.66
C LEU A 354 -29.34 8.56 -4.98
N ASP A 355 -28.49 7.73 -5.61
CA ASP A 355 -27.18 7.41 -5.03
C ASP A 355 -26.43 8.68 -4.70
N SER A 356 -26.50 9.65 -5.61
CA SER A 356 -25.77 10.90 -5.47
C SER A 356 -26.28 11.66 -4.27
N SER A 357 -27.58 11.89 -4.27
CA SER A 357 -28.26 12.54 -3.16
C SER A 357 -27.91 11.86 -1.83
N PHE A 358 -27.96 10.52 -1.78
CA PHE A 358 -27.55 9.78 -0.60
C PHE A 358 -26.20 10.26 -0.11
N GLY A 359 -25.19 10.07 -0.95
CA GLY A 359 -23.82 10.41 -0.60
C GLY A 359 -23.64 11.83 -0.10
N GLY A 360 -24.30 12.78 -0.74
CA GLY A 360 -24.18 14.19 -0.36
C GLY A 360 -24.71 14.41 1.03
N SER A 361 -25.89 13.85 1.29
CA SER A 361 -26.52 13.94 2.61
C SER A 361 -25.67 13.24 3.67
N GLU A 362 -25.07 12.11 3.30
CA GLU A 362 -24.22 11.39 4.23
C GLU A 362 -22.98 12.20 4.58
N ALA A 363 -22.49 13.01 3.65
CA ALA A 363 -21.31 13.83 3.92
C ALA A 363 -21.59 14.78 5.06
N ILE A 364 -22.86 15.17 5.17
CA ILE A 364 -23.31 16.07 6.23
C ILE A 364 -23.53 15.30 7.55
N ILE A 365 -24.46 14.35 7.52
CA ILE A 365 -24.76 13.53 8.71
C ILE A 365 -23.51 12.99 9.37
N THR A 366 -22.60 12.45 8.58
CA THR A 366 -21.35 11.92 9.10
C THR A 366 -20.49 13.02 9.70
N ALA A 367 -20.28 14.09 8.93
CA ALA A 367 -19.42 15.19 9.36
C ALA A 367 -19.88 15.83 10.68
N LEU A 368 -21.19 15.94 10.85
CA LEU A 368 -21.76 16.52 12.07
C LEU A 368 -21.76 15.52 13.21
N SER A 369 -22.10 14.27 12.91
CA SER A 369 -22.07 13.21 13.91
C SER A 369 -20.70 13.08 14.58
N ASP A 370 -19.65 13.32 13.81
CA ASP A 370 -18.29 13.21 14.35
C ASP A 370 -17.89 14.44 15.16
N GLU A 371 -18.48 15.59 14.83
CA GLU A 371 -18.29 16.81 15.62
C GLU A 371 -19.18 16.91 16.86
N PHE A 372 -20.43 16.49 16.74
CA PHE A 372 -21.41 16.68 17.79
C PHE A 372 -22.07 15.37 18.18
N PRO A 373 -21.52 14.69 19.19
CA PRO A 373 -21.99 13.38 19.68
C PRO A 373 -23.50 13.35 19.92
N LYS A 374 -24.07 14.48 20.33
CA LYS A 374 -25.52 14.61 20.50
C LYS A 374 -26.23 14.14 19.23
N ILE A 375 -25.65 14.50 18.08
CA ILE A 375 -26.15 14.11 16.77
C ILE A 375 -25.91 12.63 16.53
N LYS A 376 -24.67 12.20 16.78
CA LYS A 376 -24.28 10.81 16.59
C LYS A 376 -25.20 9.89 17.38
N ARG A 377 -25.58 10.32 18.59
CA ARG A 377 -26.42 9.53 19.48
C ARG A 377 -27.82 9.30 18.89
N ASN A 378 -28.47 10.35 18.38
CA ASN A 378 -29.71 10.15 17.65
C ASN A 378 -29.59 10.53 16.17
N ARG A 379 -29.53 9.51 15.31
CA ARG A 379 -29.45 9.74 13.88
C ARG A 379 -30.83 10.03 13.32
N GLU A 380 -31.78 9.18 13.68
CA GLU A 380 -33.11 9.19 13.08
C GLU A 380 -33.75 10.54 13.22
N LEU A 381 -33.58 11.15 14.39
CA LEU A 381 -34.07 12.50 14.62
C LEU A 381 -33.41 13.47 13.67
N PHE A 382 -32.08 13.49 13.69
CA PHE A 382 -31.35 14.48 12.93
C PHE A 382 -31.74 14.49 11.46
N VAL A 383 -31.73 13.33 10.82
CA VAL A 383 -32.03 13.29 9.40
C VAL A 383 -33.50 13.57 9.12
N ALA A 384 -34.39 13.13 10.03
CA ALA A 384 -35.79 13.53 9.92
C ALA A 384 -35.89 15.05 9.95
N GLY A 385 -35.11 15.67 10.82
CA GLY A 385 -35.11 17.11 10.95
C GLY A 385 -34.54 17.78 9.72
N LEU A 386 -33.35 17.33 9.32
CA LEU A 386 -32.65 17.85 8.15
C LEU A 386 -33.53 17.76 6.88
N PHE A 387 -34.07 16.57 6.60
CA PHE A 387 -34.88 16.37 5.41
C PHE A 387 -36.19 17.16 5.46
N SER A 388 -36.69 17.38 6.67
CA SER A 388 -37.87 18.21 6.85
C SER A 388 -37.56 19.64 6.46
N LEU A 389 -36.40 20.13 6.88
CA LEU A 389 -35.92 21.44 6.47
C LEU A 389 -35.74 21.50 4.95
N TYR A 390 -35.17 20.44 4.39
CA TYR A 390 -35.01 20.32 2.94
C TYR A 390 -36.37 20.38 2.23
N PHE A 391 -37.33 19.62 2.73
CA PHE A 391 -38.65 19.57 2.11
C PHE A 391 -39.34 20.92 2.11
N VAL A 392 -39.35 21.59 3.25
CA VAL A 392 -40.06 22.85 3.38
C VAL A 392 -39.51 23.91 2.41
N VAL A 393 -38.20 24.17 2.47
CA VAL A 393 -37.58 25.13 1.57
C VAL A 393 -37.68 24.67 0.11
N GLY A 394 -37.64 23.37 -0.09
CA GLY A 394 -37.73 22.79 -1.42
C GLY A 394 -39.08 23.00 -2.09
N LEU A 395 -40.08 23.39 -1.30
CA LEU A 395 -41.38 23.71 -1.87
C LEU A 395 -41.24 24.92 -2.79
N ALA A 396 -40.28 25.79 -2.50
CA ALA A 396 -39.95 26.89 -3.40
C ALA A 396 -39.58 26.34 -4.78
N SER A 397 -39.02 25.15 -4.78
CA SER A 397 -38.62 24.50 -6.02
C SER A 397 -39.81 23.83 -6.73
N CYS A 398 -40.91 23.62 -5.99
CA CYS A 398 -42.14 23.09 -6.58
C CYS A 398 -43.16 24.14 -6.97
N THR A 399 -42.83 25.42 -6.80
CA THR A 399 -43.76 26.47 -7.25
C THR A 399 -43.72 26.55 -8.77
N GLN A 400 -44.52 27.44 -9.33
CA GLN A 400 -44.62 27.55 -10.78
C GLN A 400 -43.35 28.18 -11.36
N GLY A 401 -42.73 29.04 -10.56
CA GLY A 401 -41.48 29.67 -10.95
C GLY A 401 -40.30 28.89 -10.38
N GLY A 402 -40.60 27.69 -9.87
CA GLY A 402 -39.61 26.86 -9.22
C GLY A 402 -38.33 26.62 -10.00
N PHE A 403 -38.46 26.47 -11.32
CA PHE A 403 -37.27 26.20 -12.13
C PHE A 403 -36.26 27.33 -12.02
N TYR A 404 -36.77 28.56 -11.96
CA TYR A 404 -35.93 29.74 -11.86
C TYR A 404 -35.11 29.67 -10.59
N PHE A 405 -35.72 29.11 -9.55
CA PHE A 405 -35.07 28.87 -8.27
C PHE A 405 -34.02 27.78 -8.44
N PHE A 406 -34.45 26.66 -9.01
CA PHE A 406 -33.56 25.55 -9.30
C PHE A 406 -32.32 25.99 -10.08
N HIS A 407 -32.53 26.70 -11.18
CA HIS A 407 -31.43 27.18 -12.01
C HIS A 407 -30.48 28.10 -11.25
N LEU A 408 -31.01 28.90 -10.34
CA LEU A 408 -30.19 29.85 -9.61
C LEU A 408 -29.24 29.11 -8.69
N LEU A 409 -29.79 28.25 -7.85
CA LEU A 409 -28.98 27.41 -6.98
C LEU A 409 -27.96 26.65 -7.79
N ASP A 410 -28.40 25.99 -8.86
CA ASP A 410 -27.53 25.14 -9.68
C ASP A 410 -26.23 25.86 -10.03
N ARG A 411 -26.35 27.13 -10.38
CA ARG A 411 -25.17 27.92 -10.72
C ARG A 411 -24.33 28.29 -9.50
N TYR A 412 -24.97 28.80 -8.45
CA TYR A 412 -24.27 29.34 -7.30
C TYR A 412 -24.10 28.42 -6.07
N ALA A 413 -24.56 27.17 -6.13
CA ALA A 413 -24.58 26.35 -4.91
C ALA A 413 -23.16 25.99 -4.57
N ALA A 414 -22.50 25.13 -5.37
CA ALA A 414 -21.11 25.46 -5.66
C ALA A 414 -20.77 25.30 -7.14
N GLY A 415 -20.62 26.39 -7.88
CA GLY A 415 -19.70 26.39 -9.01
C GLY A 415 -18.28 26.75 -8.62
N TYR A 416 -18.15 27.91 -7.99
CA TYR A 416 -16.83 28.41 -7.66
C TYR A 416 -16.48 28.06 -6.23
N SER A 417 -17.50 27.62 -5.50
CA SER A 417 -17.33 27.37 -4.08
C SER A 417 -16.53 26.10 -3.95
N ILE A 418 -16.92 25.11 -4.73
CA ILE A 418 -16.31 23.81 -4.66
C ILE A 418 -14.93 23.84 -5.30
N LEU A 419 -14.73 24.75 -6.24
CA LEU A 419 -13.44 24.84 -6.93
C LEU A 419 -12.37 25.34 -5.99
N VAL A 420 -12.67 26.39 -5.22
CA VAL A 420 -11.70 26.89 -4.27
C VAL A 420 -11.57 25.92 -3.11
N ALA A 421 -12.68 25.32 -2.71
CA ALA A 421 -12.69 24.41 -1.56
C ALA A 421 -11.73 23.26 -1.83
N VAL A 422 -11.75 22.74 -3.05
CA VAL A 422 -10.83 21.66 -3.40
C VAL A 422 -9.43 22.22 -3.54
N PHE A 423 -9.31 23.46 -4.01
CA PHE A 423 -8.00 24.11 -4.15
C PHE A 423 -7.27 24.22 -2.82
N PHE A 424 -8.01 24.47 -1.75
CA PHE A 424 -7.40 24.52 -0.42
C PHE A 424 -7.15 23.13 0.11
N GLU A 425 -8.06 22.20 -0.18
CA GLU A 425 -7.87 20.79 0.16
C GLU A 425 -6.53 20.29 -0.36
N ALA A 426 -6.27 20.54 -1.64
CA ALA A 426 -5.02 20.13 -2.28
C ALA A 426 -3.83 20.86 -1.70
N ILE A 427 -3.93 22.19 -1.60
CA ILE A 427 -2.82 23.00 -1.10
C ILE A 427 -2.51 22.65 0.34
N ALA A 428 -3.54 22.45 1.15
CA ALA A 428 -3.37 22.11 2.56
C ALA A 428 -2.66 20.78 2.69
N VAL A 429 -3.22 19.76 2.06
CA VAL A 429 -2.63 18.42 2.07
C VAL A 429 -1.20 18.44 1.56
N SER A 430 -1.00 18.93 0.35
CA SER A 430 0.31 18.87 -0.32
C SER A 430 1.40 19.73 0.31
N TRP A 431 1.06 20.90 0.84
CA TRP A 431 2.09 21.84 1.32
C TRP A 431 2.07 22.01 2.83
N ILE A 432 0.97 22.54 3.38
CA ILE A 432 0.87 22.72 4.83
C ILE A 432 1.02 21.41 5.61
N TYR A 433 0.32 20.36 5.18
CA TYR A 433 0.42 19.06 5.85
C TYR A 433 1.71 18.36 5.42
N GLY A 434 2.00 18.48 4.13
CA GLY A 434 3.17 17.90 3.49
C GLY A 434 2.81 16.60 2.79
N THR A 435 3.46 16.35 1.65
CA THR A 435 3.16 15.18 0.85
C THR A 435 3.83 13.95 1.42
N ASN A 436 5.03 14.16 1.94
CA ASN A 436 5.80 13.08 2.55
C ASN A 436 5.07 12.50 3.76
N ARG A 437 4.26 13.33 4.40
CA ARG A 437 3.48 12.88 5.54
C ARG A 437 2.27 12.08 5.03
N PHE A 438 1.61 12.63 4.02
CA PHE A 438 0.46 11.98 3.38
C PHE A 438 0.88 10.63 2.83
N SER A 439 1.99 10.63 2.08
CA SER A 439 2.52 9.41 1.48
C SER A 439 2.86 8.38 2.54
N GLU A 440 3.46 8.81 3.63
CA GLU A 440 3.80 7.92 4.74
C GLU A 440 2.56 7.30 5.37
N ASP A 441 1.47 8.08 5.39
CA ASP A 441 0.18 7.61 5.88
C ASP A 441 -0.38 6.52 4.98
N ILE A 442 -0.23 6.74 3.68
CA ILE A 442 -0.77 5.80 2.71
C ILE A 442 0.03 4.50 2.71
N ARG A 443 1.36 4.60 2.70
CA ARG A 443 2.21 3.42 2.79
C ARG A 443 1.82 2.58 4.01
N ASP A 444 1.45 3.24 5.11
CA ASP A 444 1.10 2.48 6.30
C ASP A 444 -0.20 1.71 6.07
N MET A 445 -1.12 2.30 5.31
CA MET A 445 -2.40 1.67 5.00
C MET A 445 -2.26 0.56 3.93
N ILE A 446 -1.85 0.94 2.73
CA ILE A 446 -1.74 -0.01 1.62
C ILE A 446 -0.51 -0.93 1.64
N GLY A 447 0.57 -0.48 2.25
CA GLY A 447 1.81 -1.23 2.25
C GLY A 447 2.86 -0.59 1.35
N PHE A 448 2.42 0.35 0.51
CA PHE A 448 3.36 1.02 -0.38
C PHE A 448 3.01 2.48 -0.58
N PRO A 449 4.03 3.32 -0.75
CA PRO A 449 3.88 4.76 -0.96
C PRO A 449 3.35 5.04 -2.34
N PRO A 450 2.58 6.12 -2.49
CA PRO A 450 2.13 6.59 -3.80
C PRO A 450 3.32 6.92 -4.68
N GLY A 451 3.22 6.64 -5.97
CA GLY A 451 4.31 6.93 -6.87
C GLY A 451 4.61 8.42 -6.89
N ARG A 452 5.75 8.80 -7.46
CA ARG A 452 6.06 10.21 -7.55
C ARG A 452 5.10 10.87 -8.54
N TYR A 453 4.41 10.06 -9.33
CA TYR A 453 3.42 10.58 -10.26
C TYR A 453 2.33 11.33 -9.49
N TRP A 454 1.69 10.64 -8.56
CA TRP A 454 0.58 11.21 -7.78
C TRP A 454 1.03 12.42 -6.97
N GLN A 455 2.23 12.33 -6.40
CA GLN A 455 2.79 13.40 -5.58
C GLN A 455 2.97 14.69 -6.38
N VAL A 456 3.36 14.56 -7.63
CA VAL A 456 3.50 15.72 -8.49
C VAL A 456 2.12 16.26 -8.89
N CYS A 457 1.16 15.36 -9.09
CA CYS A 457 -0.20 15.79 -9.42
C CYS A 457 -0.85 16.53 -8.25
N TRP A 458 -0.70 15.99 -7.04
CA TRP A 458 -1.26 16.60 -5.84
C TRP A 458 -0.62 17.94 -5.51
N ARG A 459 0.70 18.01 -5.65
CA ARG A 459 1.46 19.19 -5.26
C ARG A 459 1.43 20.32 -6.30
N PHE A 460 1.37 19.96 -7.59
CA PHE A 460 1.49 20.94 -8.67
C PHE A 460 0.34 20.92 -9.67
N VAL A 461 0.26 19.82 -10.42
CA VAL A 461 -0.67 19.73 -11.55
C VAL A 461 -2.10 20.09 -11.14
N ALA A 462 -2.60 19.45 -10.09
CA ALA A 462 -3.98 19.62 -9.67
C ALA A 462 -4.33 21.08 -9.43
N PRO A 463 -3.61 21.75 -8.51
CA PRO A 463 -3.86 23.17 -8.24
C PRO A 463 -3.85 24.03 -9.50
N ILE A 464 -2.85 23.83 -10.38
CA ILE A 464 -2.84 24.50 -11.69
C ILE A 464 -4.07 24.11 -12.50
N PHE A 465 -4.31 22.81 -12.63
CA PHE A 465 -5.54 22.27 -13.23
C PHE A 465 -6.78 22.92 -12.65
N LEU A 466 -6.78 23.12 -11.33
CA LEU A 466 -7.94 23.72 -10.67
C LEU A 466 -8.13 25.18 -11.05
N LEU A 467 -7.08 25.99 -11.05
CA LEU A 467 -7.29 27.39 -11.39
C LEU A 467 -7.35 27.60 -12.90
N PHE A 468 -6.88 26.61 -13.66
CA PHE A 468 -7.12 26.60 -15.11
C PHE A 468 -8.62 26.58 -15.37
N ILE A 469 -9.34 25.75 -14.61
CA ILE A 469 -10.79 25.69 -14.69
C ILE A 469 -11.37 27.05 -14.33
N THR A 470 -11.00 27.58 -13.17
CA THR A 470 -11.62 28.80 -12.64
C THR A 470 -11.31 30.04 -13.48
N VAL A 471 -10.05 30.21 -13.86
CA VAL A 471 -9.64 31.37 -14.63
C VAL A 471 -10.33 31.44 -15.99
N TYR A 472 -10.16 30.39 -16.79
CA TYR A 472 -10.76 30.36 -18.13
C TYR A 472 -12.28 30.33 -18.05
N GLY A 473 -12.82 30.02 -16.88
CA GLY A 473 -14.25 30.04 -16.67
C GLY A 473 -14.71 31.37 -16.11
N LEU A 474 -13.78 32.09 -15.50
CA LEU A 474 -14.06 33.40 -14.93
C LEU A 474 -14.10 34.46 -16.03
N ILE A 475 -13.16 34.37 -16.97
CA ILE A 475 -13.10 35.29 -18.10
C ILE A 475 -14.33 35.16 -19.00
N GLY A 476 -14.91 33.98 -19.02
CA GLY A 476 -16.11 33.75 -19.80
C GLY A 476 -17.39 34.06 -19.04
N TYR A 477 -17.26 34.61 -17.83
CA TYR A 477 -18.42 34.86 -16.97
C TYR A 477 -19.47 35.70 -17.67
N GLU A 478 -20.74 35.36 -17.44
CA GLU A 478 -21.86 36.19 -17.89
C GLU A 478 -22.95 36.17 -16.82
N PRO A 479 -23.65 37.30 -16.64
CA PRO A 479 -24.73 37.33 -15.63
C PRO A 479 -25.76 36.22 -15.86
N LEU A 480 -26.45 35.81 -14.79
CA LEU A 480 -27.33 34.66 -14.84
C LEU A 480 -28.57 34.93 -15.67
N THR A 481 -28.78 34.06 -16.65
CA THR A 481 -29.91 34.15 -17.57
C THR A 481 -30.45 32.78 -17.87
N TYR A 482 -31.76 32.67 -17.95
CA TYR A 482 -32.32 31.46 -18.52
C TYR A 482 -33.35 31.81 -19.60
N ALA A 483 -33.04 31.46 -20.84
CA ALA A 483 -34.02 31.51 -21.94
C ALA A 483 -34.77 32.84 -22.09
N ASP A 484 -34.02 33.93 -22.29
CA ASP A 484 -34.57 35.25 -22.61
C ASP A 484 -35.00 35.99 -21.35
N TYR A 485 -35.04 35.27 -20.23
CA TYR A 485 -35.22 35.89 -18.94
C TYR A 485 -33.86 36.25 -18.38
N VAL A 486 -33.69 37.50 -17.99
CA VAL A 486 -32.44 37.94 -17.37
C VAL A 486 -32.64 38.12 -15.87
N TYR A 487 -31.94 37.32 -15.07
CA TYR A 487 -32.07 37.39 -13.62
C TYR A 487 -31.72 38.79 -13.13
N PRO A 488 -32.52 39.33 -12.20
CA PRO A 488 -32.31 40.68 -11.67
C PRO A 488 -30.96 40.79 -10.97
N SER A 489 -30.45 42.01 -10.83
CA SER A 489 -29.17 42.23 -10.18
C SER A 489 -29.16 41.60 -8.79
N TRP A 490 -30.25 41.76 -8.04
CA TRP A 490 -30.30 41.29 -6.66
C TRP A 490 -30.22 39.78 -6.54
N ALA A 491 -30.91 39.06 -7.42
CA ALA A 491 -30.89 37.60 -7.40
C ALA A 491 -29.49 37.10 -7.65
N ASN A 492 -28.80 37.75 -8.60
CA ASN A 492 -27.40 37.47 -8.88
C ASN A 492 -26.53 37.59 -7.65
N ALA A 493 -26.74 38.67 -6.90
CA ALA A 493 -25.93 38.93 -5.70
C ALA A 493 -26.36 38.01 -4.56
N LEU A 494 -27.63 37.64 -4.54
CA LEU A 494 -28.13 36.68 -3.57
C LEU A 494 -27.40 35.35 -3.74
N GLY A 495 -27.05 35.01 -4.99
CA GLY A 495 -26.34 33.78 -5.28
C GLY A 495 -24.93 33.79 -4.73
N TRP A 496 -24.27 34.93 -4.89
CA TRP A 496 -22.87 35.07 -4.47
C TRP A 496 -22.69 34.93 -2.96
N CYS A 497 -23.73 35.22 -2.19
CA CYS A 497 -23.68 34.89 -0.77
C CYS A 497 -23.58 33.38 -0.61
N ILE A 498 -24.53 32.68 -1.24
CA ILE A 498 -24.59 31.23 -1.21
C ILE A 498 -23.26 30.62 -1.63
N ALA A 499 -22.68 31.19 -2.68
CA ALA A 499 -21.35 30.79 -3.14
C ALA A 499 -20.28 31.08 -2.09
N GLY A 500 -20.21 32.33 -1.64
CA GLY A 500 -19.19 32.76 -0.70
C GLY A 500 -19.40 32.35 0.75
N SER A 501 -20.62 31.96 1.11
CA SER A 501 -20.92 31.64 2.50
C SER A 501 -20.15 30.42 2.98
N SER A 502 -19.91 29.47 2.08
CA SER A 502 -19.12 28.28 2.40
C SER A 502 -17.62 28.59 2.42
N VAL A 503 -17.17 29.29 1.40
CA VAL A 503 -15.74 29.51 1.23
C VAL A 503 -15.15 30.45 2.30
N VAL A 504 -15.93 31.39 2.81
CA VAL A 504 -15.42 32.28 3.86
C VAL A 504 -15.07 31.50 5.11
N MET A 505 -15.75 30.38 5.32
CA MET A 505 -15.48 29.54 6.47
C MET A 505 -14.00 29.23 6.58
N ILE A 506 -13.32 29.10 5.44
CA ILE A 506 -11.89 28.80 5.44
C ILE A 506 -11.07 29.90 6.12
N PRO A 507 -11.11 31.14 5.60
CA PRO A 507 -10.43 32.26 6.27
C PRO A 507 -11.11 32.67 7.57
N ALA A 508 -12.41 32.44 7.69
CA ALA A 508 -13.16 32.80 8.89
C ALA A 508 -12.82 31.89 10.06
N VAL A 509 -12.65 30.60 9.78
CA VAL A 509 -12.31 29.66 10.83
C VAL A 509 -10.84 29.81 11.18
N ALA A 510 -10.02 30.11 10.18
CA ALA A 510 -8.60 30.37 10.39
C ALA A 510 -8.42 31.60 11.28
N ILE A 511 -9.17 32.66 10.98
CA ILE A 511 -9.11 33.89 11.76
C ILE A 511 -9.56 33.68 13.19
N PHE A 512 -10.67 32.99 13.37
CA PHE A 512 -11.19 32.72 14.71
C PHE A 512 -10.21 31.90 15.55
N LYS A 513 -9.68 30.83 14.97
CA LYS A 513 -8.82 29.91 15.73
C LYS A 513 -7.43 30.48 15.93
N LEU A 514 -6.96 31.26 14.97
CA LEU A 514 -5.69 31.93 15.09
C LEU A 514 -5.77 32.91 16.27
N LEU A 515 -6.94 33.50 16.48
CA LEU A 515 -7.15 34.42 17.60
C LEU A 515 -7.72 33.75 18.84
N SER A 516 -8.01 32.46 18.78
CA SER A 516 -8.36 31.71 19.98
C SER A 516 -7.20 30.91 20.60
N THR A 517 -5.99 30.99 20.02
CA THR A 517 -4.83 30.31 20.62
C THR A 517 -3.72 31.31 21.00
N PRO A 518 -3.04 31.04 22.14
CA PRO A 518 -2.01 31.93 22.71
C PRO A 518 -0.63 31.84 22.05
N GLY A 519 0.32 32.65 22.53
CA GLY A 519 1.68 32.65 22.03
C GLY A 519 1.92 33.69 20.95
N SER A 520 3.13 33.72 20.41
CA SER A 520 3.45 34.65 19.33
C SER A 520 2.78 34.21 18.04
N LEU A 521 2.94 34.99 16.97
CA LEU A 521 2.37 34.62 15.67
C LEU A 521 3.08 33.39 15.12
N ARG A 522 4.41 33.40 15.18
CA ARG A 522 5.20 32.27 14.73
C ARG A 522 4.83 31.00 15.48
N GLN A 523 4.69 31.09 16.80
CA GLN A 523 4.45 29.91 17.61
C GLN A 523 2.97 29.50 17.69
N ARG A 524 2.05 30.38 17.31
CA ARG A 524 0.65 29.96 17.20
C ARG A 524 0.33 29.44 15.78
N PHE A 525 1.24 29.68 14.83
CA PHE A 525 1.14 29.04 13.52
C PHE A 525 1.51 27.59 13.69
N THR A 526 2.62 27.35 14.37
CA THR A 526 3.09 26.00 14.60
C THR A 526 2.06 25.21 15.43
N ILE A 527 1.34 25.87 16.32
CA ILE A 527 0.30 25.19 17.08
C ILE A 527 -0.82 24.68 16.18
N LEU A 528 -1.20 25.49 15.20
CA LEU A 528 -2.33 25.19 14.32
C LEU A 528 -1.92 24.45 13.04
N THR A 529 -0.61 24.32 12.82
CA THR A 529 -0.12 23.49 11.73
C THR A 529 0.32 22.08 12.18
N THR A 530 0.22 21.78 13.46
CA THR A 530 0.59 20.45 13.93
C THR A 530 -0.65 19.55 14.07
N PRO A 531 -0.67 18.49 13.25
CA PRO A 531 -1.74 17.50 13.07
C PRO A 531 -2.05 16.75 14.35
N TRP A 532 -3.28 16.26 14.44
CA TRP A 532 -3.80 15.63 15.65
C TRP A 532 -3.03 14.38 16.07
N ARG A 533 -2.58 13.61 15.08
CA ARG A 533 -1.93 12.33 15.36
C ARG A 533 -0.48 12.53 15.80
N ASP A 534 0.11 13.67 15.42
CA ASP A 534 1.44 14.05 15.90
C ASP A 534 1.44 14.40 17.41
N GLN A 535 0.29 14.84 17.91
CA GLN A 535 0.14 15.16 19.33
C GLN A 535 -0.49 13.97 20.05
N GLU B 1 1.45 -14.42 16.46
CA GLU B 1 2.29 -14.29 15.27
C GLU B 1 1.97 -15.37 14.25
N ASN B 2 2.22 -15.08 12.98
CA ASN B 2 1.98 -16.07 11.96
C ASN B 2 3.26 -16.87 11.74
N VAL B 3 3.26 -18.12 12.19
CA VAL B 3 4.47 -18.94 12.17
C VAL B 3 4.64 -19.65 10.81
N LEU B 4 5.76 -19.38 10.14
CA LEU B 4 6.07 -20.01 8.86
C LEU B 4 7.06 -21.14 9.02
N THR B 5 6.64 -22.35 8.66
CA THR B 5 7.49 -23.53 8.74
C THR B 5 7.96 -23.91 7.34
N GLN B 6 9.25 -24.23 7.21
CA GLN B 6 9.83 -24.59 5.91
C GLN B 6 10.35 -26.02 5.89
N SER B 7 10.27 -26.68 4.72
CA SER B 7 10.79 -28.04 4.55
C SER B 7 11.37 -28.27 3.17
N PRO B 8 12.39 -29.13 3.09
CA PRO B 8 12.96 -29.73 4.30
C PRO B 8 13.78 -28.74 5.09
N ALA B 9 14.30 -29.17 6.23
CA ALA B 9 15.24 -28.36 7.00
C ALA B 9 16.57 -28.30 6.26
N ILE B 10 17.06 -29.48 5.90
CA ILE B 10 18.29 -29.57 5.12
C ILE B 10 18.07 -30.48 3.93
N MET B 11 18.69 -30.15 2.81
CA MET B 11 18.60 -31.03 1.66
C MET B 11 19.87 -30.94 0.86
N SER B 12 20.25 -32.06 0.25
CA SER B 12 21.43 -32.16 -0.59
C SER B 12 21.01 -32.33 -2.01
N THR B 13 21.80 -31.82 -2.94
CA THR B 13 21.48 -31.92 -4.35
C THR B 13 22.72 -31.96 -5.23
N SER B 14 22.63 -32.72 -6.31
CA SER B 14 23.66 -32.73 -7.33
C SER B 14 23.36 -31.65 -8.34
N PRO B 15 24.38 -30.89 -8.76
CA PRO B 15 24.17 -29.82 -9.73
C PRO B 15 23.39 -30.27 -10.96
N GLY B 16 22.54 -29.39 -11.47
CA GLY B 16 21.70 -29.70 -12.62
C GLY B 16 20.36 -30.31 -12.24
N GLU B 17 20.30 -30.96 -11.07
CA GLU B 17 19.06 -31.53 -10.58
C GLU B 17 18.07 -30.41 -10.26
N LYS B 18 16.78 -30.75 -10.15
CA LYS B 18 15.78 -29.77 -9.73
C LYS B 18 15.51 -29.85 -8.23
N VAL B 19 15.59 -28.72 -7.53
CA VAL B 19 15.26 -28.67 -6.10
C VAL B 19 13.94 -27.94 -5.87
N THR B 20 13.19 -28.37 -4.86
CA THR B 20 12.00 -27.65 -4.41
C THR B 20 11.90 -27.61 -2.88
N MET B 21 11.60 -26.42 -2.37
CA MET B 21 11.43 -26.17 -0.92
C MET B 21 10.05 -25.60 -0.68
N THR B 22 9.44 -25.97 0.44
CA THR B 22 8.10 -25.44 0.75
C THR B 22 8.06 -24.57 2.01
N CYS B 23 7.04 -23.73 2.05
CA CYS B 23 6.82 -22.77 3.13
C CYS B 23 5.36 -22.88 3.52
N ARG B 24 5.09 -23.12 4.81
CA ARG B 24 3.71 -23.19 5.26
C ARG B 24 3.47 -22.28 6.44
N ALA B 25 2.49 -21.39 6.27
CA ALA B 25 2.12 -20.41 7.27
C ALA B 25 0.98 -20.96 8.12
N SER B 26 0.97 -20.59 9.40
CA SER B 26 -0.06 -21.04 10.31
C SER B 26 -1.38 -20.37 9.98
N SER B 27 -1.27 -19.18 9.38
CA SER B 27 -2.42 -18.40 8.95
C SER B 27 -2.18 -17.89 7.54
N SER B 28 -3.25 -17.75 6.78
CA SER B 28 -3.15 -17.39 5.38
C SER B 28 -2.36 -16.10 5.16
N VAL B 29 -1.64 -16.05 4.05
CA VAL B 29 -0.86 -14.89 3.67
C VAL B 29 -1.15 -14.50 2.22
N GLY B 30 -1.42 -13.23 1.99
CA GLY B 30 -1.68 -12.75 0.64
C GLY B 30 -0.45 -12.92 -0.21
N SER B 31 -0.61 -13.45 -1.42
CA SER B 31 0.54 -13.79 -2.26
C SER B 31 1.40 -12.57 -2.58
N SER B 32 0.87 -11.38 -2.33
CA SER B 32 1.64 -10.17 -2.60
C SER B 32 2.65 -9.90 -1.49
N TYR B 33 2.40 -10.45 -0.31
CA TYR B 33 3.26 -10.25 0.86
C TYR B 33 4.24 -11.36 1.18
N LEU B 34 4.35 -12.38 0.32
CA LEU B 34 5.28 -13.47 0.61
C LEU B 34 6.59 -13.29 -0.13
N HIS B 35 7.70 -13.34 0.61
CA HIS B 35 9.00 -13.13 -0.01
C HIS B 35 10.01 -14.22 0.40
N TRP B 36 11.16 -14.24 -0.28
CA TRP B 36 12.17 -15.27 -0.09
C TRP B 36 13.55 -14.64 -0.06
N TYR B 37 14.36 -15.07 0.88
CA TYR B 37 15.70 -14.54 1.04
C TYR B 37 16.71 -15.65 0.93
N GLN B 38 17.81 -15.39 0.25
CA GLN B 38 18.90 -16.35 0.25
C GLN B 38 20.06 -15.84 1.08
N GLN B 39 20.46 -16.59 2.09
CA GLN B 39 21.63 -16.20 2.86
C GLN B 39 22.80 -17.17 2.69
N LYS B 40 23.89 -16.71 2.08
CA LYS B 40 25.09 -17.53 1.95
C LYS B 40 25.79 -17.61 3.29
N SER B 41 26.53 -18.69 3.50
CA SER B 41 27.25 -18.90 4.74
C SER B 41 28.15 -17.70 5.08
N GLY B 42 28.09 -17.24 6.33
CA GLY B 42 28.93 -16.15 6.77
C GLY B 42 28.65 -14.79 6.18
N ALA B 43 27.62 -14.68 5.35
CA ALA B 43 27.19 -13.38 4.82
C ALA B 43 25.78 -13.06 5.25
N SER B 44 25.33 -11.87 4.89
CA SER B 44 24.01 -11.42 5.30
C SER B 44 22.96 -11.76 4.23
N PRO B 45 21.67 -11.79 4.62
CA PRO B 45 20.58 -12.11 3.70
C PRO B 45 20.54 -11.24 2.44
N LYS B 46 19.96 -11.78 1.38
CA LYS B 46 19.69 -11.03 0.16
C LYS B 46 18.27 -11.30 -0.30
N LEU B 47 17.54 -10.26 -0.69
CA LEU B 47 16.20 -10.46 -1.22
C LEU B 47 16.30 -11.29 -2.50
N TRP B 48 15.49 -12.34 -2.60
CA TRP B 48 15.60 -13.29 -3.69
C TRP B 48 14.32 -13.30 -4.53
N ILE B 49 13.22 -13.66 -3.90
CA ILE B 49 11.93 -13.60 -4.56
C ILE B 49 10.95 -12.77 -3.72
N TYR B 50 10.16 -11.93 -4.39
CA TYR B 50 9.19 -11.09 -3.72
C TYR B 50 7.81 -11.16 -4.38
N SER B 51 6.76 -11.06 -3.59
CA SER B 51 5.39 -11.13 -4.10
C SER B 51 5.18 -12.48 -4.77
N THR B 52 5.83 -13.45 -4.16
CA THR B 52 5.69 -14.88 -4.39
C THR B 52 6.27 -15.46 -5.64
N SER B 53 6.18 -14.74 -6.75
CA SER B 53 6.76 -15.21 -8.01
C SER B 53 7.93 -14.40 -8.56
N ASN B 54 8.24 -13.26 -7.95
CA ASN B 54 9.09 -12.27 -8.63
C ASN B 54 10.55 -12.31 -8.24
N LEU B 55 11.41 -12.45 -9.24
CA LEU B 55 12.83 -12.52 -8.99
C LEU B 55 13.37 -11.13 -8.71
N ALA B 56 14.23 -11.03 -7.71
CA ALA B 56 14.84 -9.75 -7.37
C ALA B 56 15.86 -9.38 -8.42
N SER B 57 16.52 -8.24 -8.25
CA SER B 57 17.56 -7.84 -9.18
C SER B 57 18.82 -8.67 -8.95
N GLY B 58 19.27 -9.35 -10.01
CA GLY B 58 20.51 -10.12 -9.95
C GLY B 58 20.27 -11.61 -9.83
N VAL B 59 19.01 -11.97 -9.61
CA VAL B 59 18.63 -13.36 -9.45
C VAL B 59 18.54 -14.04 -10.82
N PRO B 60 19.27 -15.16 -10.97
CA PRO B 60 19.25 -15.95 -12.20
C PRO B 60 17.86 -16.50 -12.51
N ALA B 61 17.56 -16.66 -13.79
CA ALA B 61 16.23 -17.09 -14.20
C ALA B 61 15.93 -18.55 -13.82
N ARG B 62 16.94 -19.28 -13.35
CA ARG B 62 16.71 -20.69 -12.97
C ARG B 62 15.92 -20.82 -11.67
N PHE B 63 15.71 -19.70 -10.99
CA PHE B 63 14.87 -19.63 -9.80
C PHE B 63 13.44 -19.26 -10.13
N SER B 64 12.50 -19.82 -9.39
CA SER B 64 11.11 -19.41 -9.52
C SER B 64 10.39 -19.65 -8.19
N GLY B 65 9.23 -19.04 -8.03
CA GLY B 65 8.47 -19.30 -6.83
C GLY B 65 6.98 -19.23 -7.09
N SER B 66 6.22 -19.92 -6.25
CA SER B 66 4.78 -20.02 -6.44
C SER B 66 4.09 -20.42 -5.14
N GLY B 67 2.78 -20.18 -5.09
CA GLY B 67 1.99 -20.62 -3.95
C GLY B 67 0.87 -19.66 -3.68
N SER B 68 0.15 -19.88 -2.58
CA SER B 68 -0.90 -18.96 -2.14
C SER B 68 -1.53 -19.48 -0.85
N GLY B 69 -2.23 -18.60 -0.15
CA GLY B 69 -2.85 -19.02 1.09
C GLY B 69 -1.80 -19.34 2.12
N THR B 70 -1.82 -20.59 2.59
CA THR B 70 -0.84 -21.07 3.55
C THR B 70 0.31 -21.87 2.98
N SER B 71 0.37 -22.06 1.66
CA SER B 71 1.42 -22.91 1.11
C SER B 71 2.12 -22.31 -0.11
N TYR B 72 3.43 -22.18 0.01
CA TYR B 72 4.27 -21.60 -1.03
C TYR B 72 5.49 -22.49 -1.22
N SER B 73 6.17 -22.34 -2.35
CA SER B 73 7.41 -23.06 -2.57
C SER B 73 8.38 -22.24 -3.40
N LEU B 74 9.67 -22.45 -3.16
CA LEU B 74 10.71 -21.91 -4.01
C LEU B 74 11.29 -23.07 -4.81
N THR B 75 11.60 -22.83 -6.09
CA THR B 75 12.09 -23.90 -6.96
C THR B 75 13.31 -23.46 -7.73
N ILE B 76 14.38 -24.26 -7.65
CA ILE B 76 15.52 -24.08 -8.54
C ILE B 76 15.47 -25.19 -9.58
N SER B 77 15.25 -24.81 -10.84
CA SER B 77 15.12 -25.78 -11.92
C SER B 77 16.39 -26.61 -12.09
N SER B 78 17.46 -25.96 -12.52
CA SER B 78 18.75 -26.64 -12.65
C SER B 78 19.77 -26.01 -11.70
N VAL B 79 20.07 -26.72 -10.61
CA VAL B 79 20.90 -26.19 -9.54
C VAL B 79 22.32 -25.90 -9.97
N GLU B 80 22.97 -24.94 -9.31
CA GLU B 80 24.40 -24.73 -9.46
C GLU B 80 25.00 -24.71 -8.07
N ALA B 81 26.28 -25.06 -7.92
CA ALA B 81 26.88 -25.14 -6.58
C ALA B 81 26.91 -23.76 -5.97
N GLU B 82 26.96 -22.76 -6.85
CA GLU B 82 26.81 -21.36 -6.48
C GLU B 82 25.52 -21.12 -5.67
N ASP B 83 24.56 -22.03 -5.83
CA ASP B 83 23.25 -21.92 -5.17
C ASP B 83 23.17 -22.51 -3.78
N ALA B 84 24.24 -23.17 -3.33
CA ALA B 84 24.20 -23.75 -1.99
C ALA B 84 24.21 -22.59 -1.00
N ALA B 85 23.16 -22.54 -0.19
CA ALA B 85 22.93 -21.43 0.72
C ALA B 85 21.74 -21.81 1.61
N THR B 86 21.33 -20.92 2.49
CA THR B 86 20.11 -21.16 3.25
C THR B 86 19.01 -20.22 2.76
N TYR B 87 17.83 -20.77 2.51
CA TYR B 87 16.74 -19.96 1.99
C TYR B 87 15.68 -19.72 3.05
N TYR B 88 15.37 -18.45 3.28
CA TYR B 88 14.33 -18.06 4.23
C TYR B 88 13.14 -17.46 3.50
N CYS B 89 11.94 -17.75 3.99
CA CYS B 89 10.76 -17.08 3.48
C CYS B 89 10.23 -16.11 4.55
N GLN B 90 9.58 -15.05 4.11
CA GLN B 90 9.09 -14.04 5.03
C GLN B 90 7.68 -13.63 4.65
N GLN B 91 6.88 -13.21 5.63
CA GLN B 91 5.57 -12.59 5.32
C GLN B 91 5.48 -11.16 5.85
N PHE B 92 5.18 -10.24 4.94
CA PHE B 92 4.96 -8.82 5.24
C PHE B 92 3.47 -8.51 5.37
N SER B 93 2.65 -9.55 5.39
CA SER B 93 1.20 -9.41 5.46
C SER B 93 0.69 -8.75 6.74
N GLY B 94 1.25 -9.13 7.88
CA GLY B 94 0.83 -8.55 9.16
C GLY B 94 1.91 -8.53 10.23
N TYR B 95 1.73 -7.67 11.22
CA TYR B 95 2.70 -7.57 12.31
C TYR B 95 2.30 -8.54 13.42
N PRO B 96 3.29 -9.14 14.10
CA PRO B 96 4.72 -8.95 13.86
C PRO B 96 5.21 -9.70 12.61
N LEU B 97 6.20 -9.13 11.91
CA LEU B 97 6.75 -9.75 10.72
C LEU B 97 7.48 -11.04 11.08
N THR B 98 7.41 -12.04 10.19
CA THR B 98 8.00 -13.32 10.48
C THR B 98 8.74 -13.96 9.31
N PHE B 99 9.87 -14.60 9.62
CA PHE B 99 10.67 -15.36 8.68
C PHE B 99 10.46 -16.85 8.96
N GLY B 100 10.36 -17.64 7.90
CA GLY B 100 10.27 -19.08 8.05
C GLY B 100 11.54 -19.68 8.63
N SER B 101 11.48 -20.97 8.96
CA SER B 101 12.54 -21.67 9.67
C SER B 101 13.79 -21.89 8.83
N GLY B 102 13.71 -21.58 7.54
CA GLY B 102 14.84 -21.73 6.65
C GLY B 102 15.04 -23.13 6.09
N THR B 103 15.66 -23.20 4.91
CA THR B 103 16.01 -24.46 4.27
C THR B 103 17.46 -24.40 3.82
N LYS B 104 18.26 -25.33 4.32
CA LYS B 104 19.66 -25.38 3.96
C LYS B 104 19.85 -26.25 2.72
N LEU B 105 20.28 -25.63 1.65
CA LEU B 105 20.63 -26.33 0.42
C LEU B 105 22.12 -26.63 0.43
N GLU B 106 22.46 -27.90 0.36
CA GLU B 106 23.85 -28.32 0.31
C GLU B 106 24.08 -29.15 -0.94
N MET B 107 25.32 -29.18 -1.39
CA MET B 107 25.66 -29.91 -2.60
C MET B 107 25.96 -31.37 -2.31
N LYS B 108 25.58 -32.21 -3.26
CA LYS B 108 25.84 -33.64 -3.19
C LYS B 108 27.16 -33.87 -3.88
N ARG B 109 27.92 -34.86 -3.42
CA ARG B 109 29.15 -35.25 -4.10
C ARG B 109 29.39 -36.74 -3.87
N ALA B 110 30.47 -37.26 -4.46
CA ALA B 110 30.87 -38.64 -4.22
C ALA B 110 31.43 -38.80 -2.81
N ASP B 111 31.23 -39.97 -2.21
CA ASP B 111 31.74 -40.25 -0.87
C ASP B 111 33.26 -40.07 -0.78
N ALA B 112 33.73 -39.63 0.37
CA ALA B 112 35.17 -39.50 0.62
C ALA B 112 35.50 -39.85 2.05
N ALA B 113 36.56 -40.64 2.24
CA ALA B 113 37.01 -40.94 3.57
C ALA B 113 37.82 -39.77 4.09
N PRO B 114 37.78 -39.54 5.41
CA PRO B 114 38.51 -38.45 6.07
C PRO B 114 39.98 -38.77 6.18
N THR B 115 40.81 -37.73 6.19
CA THR B 115 42.24 -37.90 6.45
C THR B 115 42.56 -37.41 7.88
N VAL B 116 42.88 -38.36 8.76
CA VAL B 116 42.92 -38.13 10.22
C VAL B 116 44.32 -37.84 10.78
N SER B 117 44.50 -36.64 11.32
CA SER B 117 45.76 -36.23 11.96
C SER B 117 45.61 -36.10 13.49
N ILE B 118 46.56 -36.63 14.27
CA ILE B 118 46.50 -36.49 15.72
C ILE B 118 47.66 -35.69 16.27
N PHE B 119 47.38 -34.90 17.32
CA PHE B 119 48.38 -34.04 17.94
C PHE B 119 48.31 -34.15 19.46
N PRO B 120 49.48 -34.21 20.12
CA PRO B 120 49.46 -34.27 21.59
C PRO B 120 49.53 -32.87 22.20
N PRO B 121 49.42 -32.77 23.54
CA PRO B 121 49.48 -31.47 24.22
C PRO B 121 50.80 -30.76 23.93
N SER B 122 50.83 -29.43 23.95
CA SER B 122 52.03 -28.70 23.55
C SER B 122 52.97 -28.40 24.71
N SER B 123 54.12 -27.83 24.38
CA SER B 123 55.12 -27.46 25.37
C SER B 123 54.51 -26.47 26.34
N GLU B 124 53.79 -25.51 25.75
CA GLU B 124 53.30 -24.33 26.45
C GLU B 124 52.07 -24.59 27.29
N GLN B 125 51.21 -25.50 26.84
CA GLN B 125 49.98 -25.80 27.55
C GLN B 125 50.24 -26.69 28.74
N LEU B 126 51.20 -27.61 28.58
CA LEU B 126 51.57 -28.51 29.66
C LEU B 126 52.13 -27.73 30.87
N THR B 127 52.88 -26.67 30.59
CA THR B 127 53.41 -25.83 31.67
C THR B 127 52.29 -24.98 32.25
N SER B 128 51.17 -24.90 31.54
CA SER B 128 50.01 -24.12 32.01
C SER B 128 49.15 -24.92 32.99
N GLY B 129 49.34 -26.24 33.02
CA GLY B 129 48.57 -27.10 33.90
C GLY B 129 47.51 -27.92 33.20
N GLY B 130 47.12 -27.49 32.00
CA GLY B 130 46.19 -28.26 31.19
C GLY B 130 46.89 -29.16 30.19
N ALA B 131 46.21 -30.23 29.78
CA ALA B 131 46.68 -31.03 28.67
C ALA B 131 45.51 -31.38 27.75
N SER B 132 45.54 -30.91 26.50
CA SER B 132 44.48 -31.27 25.56
C SER B 132 44.98 -31.85 24.24
N VAL B 133 44.48 -33.05 23.95
CA VAL B 133 44.78 -33.81 22.73
C VAL B 133 43.78 -33.49 21.62
N VAL B 134 44.29 -33.26 20.42
CA VAL B 134 43.51 -32.74 19.32
C VAL B 134 43.59 -33.65 18.09
N CYS B 135 42.45 -33.83 17.44
CA CYS B 135 42.35 -34.72 16.30
C CYS B 135 41.60 -34.02 15.15
N PHE B 136 42.24 -33.92 14.00
CA PHE B 136 41.58 -33.36 12.82
C PHE B 136 41.10 -34.45 11.86
N LEU B 137 39.84 -34.38 11.45
CA LEU B 137 39.32 -35.25 10.39
C LEU B 137 38.98 -34.38 9.20
N ASN B 138 39.76 -34.47 8.13
CA ASN B 138 39.62 -33.47 7.06
C ASN B 138 39.14 -34.00 5.70
N ASN B 139 38.29 -33.20 5.07
CA ASN B 139 37.83 -33.42 3.70
C ASN B 139 37.19 -34.79 3.48
N PHE B 140 35.99 -34.97 4.05
CA PHE B 140 35.24 -36.20 3.90
C PHE B 140 33.79 -35.91 3.52
N TYR B 141 33.15 -36.89 2.85
CA TYR B 141 31.72 -36.82 2.56
C TYR B 141 31.13 -38.20 2.81
N PRO B 142 29.89 -38.27 3.32
CA PRO B 142 29.01 -37.18 3.73
C PRO B 142 29.35 -36.61 5.11
N LYS B 143 28.54 -35.64 5.54
CA LYS B 143 28.82 -34.84 6.73
C LYS B 143 28.95 -35.65 8.00
N ASP B 144 28.06 -36.62 8.18
CA ASP B 144 28.07 -37.39 9.42
C ASP B 144 29.36 -38.18 9.59
N ILE B 145 29.99 -37.96 10.74
CA ILE B 145 31.17 -38.71 11.12
C ILE B 145 31.18 -38.88 12.64
N ASN B 146 31.88 -39.89 13.12
CA ASN B 146 31.86 -40.21 14.53
C ASN B 146 33.26 -40.50 15.07
N VAL B 147 33.68 -39.69 16.05
CA VAL B 147 34.98 -39.86 16.64
C VAL B 147 34.88 -40.54 18.01
N LYS B 148 35.87 -41.37 18.31
CA LYS B 148 35.98 -42.06 19.60
C LYS B 148 37.40 -41.93 20.13
N TRP B 149 37.54 -41.47 21.37
CA TRP B 149 38.86 -41.36 22.01
C TRP B 149 39.14 -42.56 22.90
N LYS B 150 40.39 -42.99 22.93
CA LYS B 150 40.83 -44.01 23.88
C LYS B 150 42.18 -43.66 24.48
N ILE B 151 42.24 -43.63 25.81
CA ILE B 151 43.51 -43.60 26.54
C ILE B 151 43.77 -45.04 26.97
N ASP B 152 45.00 -45.50 26.77
CA ASP B 152 45.30 -46.94 26.87
C ASP B 152 44.38 -47.71 25.94
N GLY B 153 43.70 -48.73 26.45
CA GLY B 153 42.74 -49.46 25.67
C GLY B 153 41.30 -49.05 25.97
N SER B 154 41.14 -48.26 27.02
CA SER B 154 39.82 -47.83 27.46
C SER B 154 39.30 -46.66 26.62
N GLU B 155 37.98 -46.60 26.46
CA GLU B 155 37.33 -45.53 25.74
C GLU B 155 37.04 -44.37 26.69
N ARG B 156 37.43 -43.15 26.30
CA ARG B 156 37.08 -41.98 27.10
C ARG B 156 35.97 -41.17 26.42
N GLN B 157 34.93 -40.86 27.19
CA GLN B 157 33.73 -40.23 26.63
C GLN B 157 33.61 -38.74 26.95
N ASN B 158 33.55 -38.41 28.24
CA ASN B 158 33.44 -37.03 28.70
C ASN B 158 34.67 -36.15 28.39
N GLY B 159 34.46 -34.83 28.34
CA GLY B 159 35.56 -33.88 28.18
C GLY B 159 35.98 -33.51 26.76
N VAL B 160 35.05 -33.59 25.82
CA VAL B 160 35.37 -33.45 24.41
C VAL B 160 34.70 -32.23 23.76
N LEU B 161 35.39 -31.60 22.83
CA LEU B 161 34.79 -30.52 22.05
C LEU B 161 34.90 -30.83 20.56
N ASN B 162 33.76 -30.90 19.89
CA ASN B 162 33.72 -31.22 18.46
C ASN B 162 33.25 -30.03 17.63
N SER B 163 33.98 -29.71 16.58
CA SER B 163 33.51 -28.68 15.67
C SER B 163 33.51 -29.19 14.22
N TRP B 164 32.45 -28.85 13.50
CA TRP B 164 32.35 -29.18 12.09
C TRP B 164 32.48 -27.91 11.26
N THR B 165 33.25 -27.96 10.18
CA THR B 165 33.30 -26.85 9.26
C THR B 165 32.06 -26.81 8.35
N ASP B 166 31.80 -25.65 7.76
CA ASP B 166 30.78 -25.55 6.72
C ASP B 166 31.26 -26.32 5.50
N GLN B 167 30.33 -26.84 4.71
CA GLN B 167 30.70 -27.54 3.48
C GLN B 167 31.57 -26.66 2.59
N ASP B 168 32.66 -27.22 2.07
CA ASP B 168 33.61 -26.45 1.29
C ASP B 168 33.02 -25.98 -0.03
N SER B 169 33.34 -24.75 -0.42
CA SER B 169 32.79 -24.18 -1.65
C SER B 169 33.62 -24.63 -2.85
N LYS B 170 34.63 -25.46 -2.60
CA LYS B 170 35.53 -25.90 -3.67
C LYS B 170 35.32 -27.39 -3.98
N ASP B 171 35.71 -28.27 -3.05
CA ASP B 171 35.52 -29.71 -3.25
C ASP B 171 34.23 -30.23 -2.61
N SER B 172 33.40 -29.32 -2.10
CA SER B 172 32.11 -29.68 -1.49
C SER B 172 32.27 -30.71 -0.38
N THR B 173 33.38 -30.63 0.34
CA THR B 173 33.72 -31.62 1.36
C THR B 173 33.44 -31.06 2.78
N TYR B 174 33.61 -31.89 3.79
CA TYR B 174 33.47 -31.46 5.20
C TYR B 174 34.73 -31.78 5.99
N SER B 175 34.96 -31.05 7.08
CA SER B 175 36.02 -31.41 8.02
C SER B 175 35.56 -31.21 9.46
N MET B 176 36.16 -31.96 10.37
CA MET B 176 35.82 -31.84 11.79
C MET B 176 37.04 -31.87 12.68
N SER B 177 36.97 -31.08 13.75
CA SER B 177 38.00 -31.06 14.77
C SER B 177 37.45 -31.65 16.06
N SER B 178 38.27 -32.45 16.76
CA SER B 178 37.87 -32.98 18.05
C SER B 178 38.97 -32.75 19.09
N THR B 179 38.60 -32.15 20.22
CA THR B 179 39.59 -31.78 21.22
C THR B 179 39.27 -32.37 22.58
N LEU B 180 40.11 -33.30 23.03
CA LEU B 180 39.98 -33.95 24.32
C LEU B 180 40.90 -33.30 25.33
N THR B 181 40.36 -32.62 26.34
CA THR B 181 41.25 -32.03 27.32
C THR B 181 41.20 -32.75 28.66
N LEU B 182 42.38 -32.88 29.26
CA LEU B 182 42.56 -33.48 30.58
C LEU B 182 43.36 -32.56 31.48
N THR B 183 43.62 -33.00 32.70
CA THR B 183 44.60 -32.34 33.55
C THR B 183 45.99 -32.85 33.17
N LYS B 184 47.01 -32.00 33.32
CA LYS B 184 48.39 -32.43 33.11
C LYS B 184 48.66 -33.66 33.95
N ASP B 185 48.04 -33.72 35.12
CA ASP B 185 48.20 -34.86 36.02
C ASP B 185 47.58 -36.13 35.44
N GLU B 186 46.34 -36.02 34.96
CA GLU B 186 45.67 -37.16 34.32
C GLU B 186 46.42 -37.54 33.05
N TYR B 187 46.96 -36.53 32.37
CA TYR B 187 47.62 -36.75 31.10
C TYR B 187 48.89 -37.58 31.26
N GLU B 188 49.73 -37.18 32.21
CA GLU B 188 51.00 -37.85 32.43
C GLU B 188 50.85 -39.18 33.16
N ARG B 189 49.64 -39.47 33.61
CA ARG B 189 49.36 -40.69 34.36
C ARG B 189 49.00 -41.88 33.47
N HIS B 190 48.87 -41.64 32.17
CA HIS B 190 48.45 -42.71 31.25
C HIS B 190 49.28 -42.88 29.97
N ASN B 191 50.05 -43.98 29.85
CA ASN B 191 50.22 -44.75 28.61
C ASN B 191 50.27 -44.00 27.26
N SER B 192 49.31 -44.34 26.39
CA SER B 192 49.15 -43.79 25.03
C SER B 192 47.74 -43.24 24.74
N TYR B 193 47.62 -42.42 23.70
CA TYR B 193 46.37 -41.76 23.34
C TYR B 193 45.94 -42.08 21.91
N THR B 194 44.66 -42.38 21.76
CA THR B 194 44.13 -42.85 20.48
C THR B 194 42.84 -42.14 20.05
N CYS B 195 42.78 -41.79 18.76
CA CYS B 195 41.61 -41.14 18.20
C CYS B 195 41.15 -41.88 16.97
N GLU B 196 39.96 -42.48 17.02
CA GLU B 196 39.51 -43.27 15.88
C GLU B 196 38.18 -42.81 15.26
N ALA B 197 38.21 -42.66 13.94
CA ALA B 197 37.11 -42.15 13.15
C ALA B 197 36.26 -43.30 12.57
N THR B 198 34.95 -43.23 12.76
CA THR B 198 34.03 -44.16 12.15
C THR B 198 33.22 -43.44 11.07
N HIS B 199 33.31 -43.94 9.84
CA HIS B 199 32.69 -43.22 8.72
C HIS B 199 32.07 -44.21 7.73
N LYS B 200 31.04 -43.77 7.01
CA LYS B 200 30.32 -44.65 6.09
C LYS B 200 31.27 -45.30 5.08
N THR B 201 32.38 -44.64 4.79
CA THR B 201 33.37 -45.16 3.85
C THR B 201 33.88 -46.54 4.28
N SER B 202 34.63 -46.59 5.37
CA SER B 202 35.17 -47.84 5.90
C SER B 202 34.16 -48.62 6.75
N THR B 203 34.33 -49.95 6.80
CA THR B 203 33.60 -50.77 7.76
C THR B 203 34.32 -50.70 9.10
N SER B 204 35.65 -50.76 9.02
CA SER B 204 36.53 -50.62 10.18
C SER B 204 36.96 -49.16 10.39
N PRO B 205 37.04 -48.73 11.65
CA PRO B 205 37.38 -47.32 11.89
C PRO B 205 38.83 -47.00 11.56
N ILE B 206 39.06 -45.81 11.00
CA ILE B 206 40.39 -45.26 10.81
C ILE B 206 40.95 -44.80 12.15
N VAL B 207 42.17 -45.25 12.48
CA VAL B 207 42.74 -44.95 13.80
C VAL B 207 44.03 -44.14 13.68
N LYS B 208 44.28 -43.31 14.69
CA LYS B 208 45.55 -42.62 14.85
C LYS B 208 45.89 -42.55 16.33
N SER B 209 47.12 -42.90 16.67
CA SER B 209 47.57 -42.93 18.06
C SER B 209 48.99 -42.44 18.22
N PHE B 210 49.36 -42.18 19.47
CA PHE B 210 50.72 -41.86 19.80
C PHE B 210 51.01 -42.31 21.22
N ASN B 211 52.27 -42.52 21.53
CA ASN B 211 52.68 -42.81 22.90
C ASN B 211 53.40 -41.60 23.46
N ARG B 212 53.20 -41.31 24.75
CA ARG B 212 53.75 -40.09 25.33
C ARG B 212 55.28 -40.12 25.38
N ASN B 213 55.83 -41.32 25.58
CA ASN B 213 57.29 -41.48 25.65
C ASN B 213 57.99 -40.92 24.42
N GLU B 214 57.60 -41.42 23.25
CA GLU B 214 58.24 -41.04 21.99
C GLU B 214 57.70 -39.72 21.44
N GLU C 1 26.36 0.92 -4.41
CA GLU C 1 25.52 2.12 -4.46
C GLU C 1 24.83 2.36 -3.11
N VAL C 2 23.81 1.57 -2.80
CA VAL C 2 23.17 1.62 -1.49
C VAL C 2 23.99 0.88 -0.46
N GLN C 3 24.45 1.55 0.58
CA GLN C 3 25.17 0.85 1.64
C GLN C 3 24.52 1.11 2.99
N LEU C 4 24.45 0.06 3.80
CA LEU C 4 23.90 0.12 5.15
C LEU C 4 24.95 -0.43 6.11
N VAL C 5 25.30 0.33 7.14
CA VAL C 5 26.33 -0.12 8.05
C VAL C 5 25.92 -0.05 9.52
N GLU C 6 25.77 -1.21 10.13
CA GLU C 6 25.43 -1.30 11.55
C GLU C 6 26.68 -1.12 12.38
N SER C 7 26.48 -0.58 13.58
CA SER C 7 27.58 -0.41 14.54
C SER C 7 27.04 -0.40 15.95
N GLY C 8 27.93 -0.29 16.91
CA GLY C 8 27.55 -0.48 18.31
C GLY C 8 27.60 -1.96 18.61
N GLY C 9 27.28 -2.34 19.83
CA GLY C 9 27.14 -3.76 20.10
C GLY C 9 28.43 -4.46 20.45
N GLY C 10 28.31 -5.46 21.31
CA GLY C 10 29.45 -6.08 21.93
C GLY C 10 28.91 -6.75 23.18
N LEU C 11 29.76 -6.97 24.17
CA LEU C 11 29.34 -7.67 25.38
C LEU C 11 28.59 -6.72 26.34
N VAL C 12 27.50 -7.21 26.90
CA VAL C 12 26.73 -6.44 27.87
C VAL C 12 26.22 -7.36 28.97
N LYS C 13 26.28 -6.88 30.21
CA LYS C 13 25.80 -7.66 31.34
C LYS C 13 24.28 -7.72 31.28
N PRO C 14 23.70 -8.89 31.59
CA PRO C 14 22.24 -9.06 31.64
C PRO C 14 21.59 -7.96 32.46
N GLY C 15 20.50 -7.41 31.98
CA GLY C 15 19.84 -6.31 32.64
C GLY C 15 20.38 -4.97 32.16
N GLY C 16 21.52 -5.00 31.47
CA GLY C 16 22.14 -3.77 31.02
C GLY C 16 21.37 -3.15 29.87
N SER C 17 21.99 -2.18 29.19
CA SER C 17 21.36 -1.59 28.02
C SER C 17 22.42 -1.09 27.04
N LEU C 18 22.06 -0.96 25.77
CA LEU C 18 23.02 -0.59 24.74
C LEU C 18 22.33 0.00 23.51
N LYS C 19 23.08 0.71 22.67
CA LYS C 19 22.48 1.44 21.56
C LYS C 19 23.18 1.21 20.21
N LEU C 20 22.44 0.64 19.29
CA LEU C 20 22.96 0.30 17.96
C LEU C 20 22.65 1.40 16.96
N SER C 21 23.54 1.59 16.00
CA SER C 21 23.29 2.56 14.95
C SER C 21 23.51 1.95 13.57
N CYS C 22 22.74 2.40 12.60
CA CYS C 22 22.91 1.97 11.21
C CYS C 22 23.15 3.18 10.31
N ALA C 23 24.30 3.22 9.66
CA ALA C 23 24.66 4.35 8.83
C ALA C 23 24.22 4.12 7.40
N ALA C 24 23.23 4.89 6.97
CA ALA C 24 22.69 4.70 5.62
C ALA C 24 23.31 5.67 4.63
N SER C 25 23.52 5.18 3.42
CA SER C 25 23.97 6.01 2.31
C SER C 25 23.64 5.39 0.97
N GLY C 26 23.57 6.21 -0.07
CA GLY C 26 23.34 5.71 -1.42
C GLY C 26 21.89 5.82 -1.86
N PHE C 27 21.10 6.58 -1.12
CA PHE C 27 19.69 6.72 -1.42
C PHE C 27 19.06 7.73 -0.48
N THR C 28 17.89 8.26 -0.83
CA THR C 28 17.30 9.22 0.07
C THR C 28 16.73 8.39 1.21
N PHE C 29 17.36 8.55 2.38
CA PHE C 29 17.09 7.70 3.53
C PHE C 29 15.73 8.03 4.11
N SER C 30 15.30 9.26 3.86
CA SER C 30 14.03 9.75 4.42
C SER C 30 12.84 9.11 3.73
N SER C 31 13.07 8.55 2.55
CA SER C 31 12.00 8.00 1.72
C SER C 31 11.66 6.56 2.03
N TYR C 32 12.36 5.98 3.00
CA TYR C 32 12.32 4.53 3.19
C TYR C 32 12.13 4.09 4.64
N ALA C 33 11.12 3.27 4.89
CA ALA C 33 10.96 2.63 6.20
C ALA C 33 12.08 1.61 6.40
N MET C 34 12.54 1.48 7.63
CA MET C 34 13.61 0.55 7.93
C MET C 34 13.13 -0.41 8.98
N SER C 35 13.85 -1.53 9.14
CA SER C 35 13.58 -2.42 10.24
C SER C 35 14.88 -2.94 10.80
N TRP C 36 14.79 -3.44 12.03
CA TRP C 36 15.88 -4.20 12.61
C TRP C 36 15.49 -5.68 12.64
N VAL C 37 16.22 -6.50 11.89
CA VAL C 37 16.06 -7.95 11.93
C VAL C 37 17.29 -8.58 12.59
N ARG C 38 17.09 -9.50 13.52
CA ARG C 38 18.25 -10.10 14.18
C ARG C 38 18.36 -11.59 13.88
N GLN C 39 19.56 -12.12 13.96
CA GLN C 39 19.78 -13.56 13.79
C GLN C 39 20.53 -14.16 14.98
N SER C 40 19.86 -15.05 15.71
CA SER C 40 20.49 -15.67 16.87
C SER C 40 21.66 -16.56 16.46
N PRO C 41 22.47 -16.98 17.44
CA PRO C 41 23.58 -17.89 17.13
C PRO C 41 23.09 -19.23 16.58
N GLU C 42 21.81 -19.52 16.78
CA GLU C 42 21.18 -20.71 16.22
C GLU C 42 20.61 -20.41 14.83
N LYS C 43 20.95 -19.25 14.32
CA LYS C 43 20.65 -18.86 12.95
C LYS C 43 19.19 -18.62 12.66
N ARG C 44 18.40 -18.31 13.68
CA ARG C 44 16.99 -17.99 13.43
C ARG C 44 16.82 -16.50 13.15
N LEU C 45 16.22 -16.19 12.01
CA LEU C 45 15.89 -14.81 11.67
C LEU C 45 14.62 -14.37 12.38
N GLU C 46 14.72 -13.27 13.10
CA GLU C 46 13.59 -12.72 13.82
C GLU C 46 13.53 -11.20 13.63
N TRP C 47 12.36 -10.71 13.24
CA TRP C 47 12.16 -9.28 13.05
C TRP C 47 11.92 -8.63 14.40
N VAL C 48 12.38 -7.39 14.56
CA VAL C 48 12.40 -6.74 15.87
C VAL C 48 11.52 -5.48 15.92
N ALA C 49 11.83 -4.49 15.09
CA ALA C 49 11.01 -3.29 14.99
C ALA C 49 11.10 -2.66 13.60
N GLU C 50 10.05 -1.93 13.21
CA GLU C 50 10.02 -1.19 11.95
C GLU C 50 9.70 0.27 12.20
N ILE C 51 10.35 1.17 11.47
CA ILE C 51 10.07 2.59 11.62
C ILE C 51 9.82 3.23 10.26
N SER C 52 8.81 4.08 10.17
CA SER C 52 8.39 4.64 8.90
C SER C 52 9.40 5.62 8.32
N SER C 53 9.05 6.18 7.17
CA SER C 53 9.84 7.20 6.51
C SER C 53 10.08 8.35 7.49
N GLY C 54 8.99 8.91 7.99
CA GLY C 54 9.05 10.03 8.91
C GLY C 54 8.97 9.57 10.35
N GLY C 55 9.06 8.25 10.54
CA GLY C 55 9.10 7.68 11.88
C GLY C 55 7.89 8.00 12.72
N ARG C 56 6.75 8.16 12.07
CA ARG C 56 5.48 8.40 12.77
C ARG C 56 4.74 7.10 13.04
N TYR C 57 5.19 6.02 12.42
CA TYR C 57 4.59 4.70 12.61
C TYR C 57 5.67 3.69 13.06
N ILE C 58 5.42 3.03 14.19
CA ILE C 58 6.43 2.16 14.79
C ILE C 58 5.83 0.83 15.23
N TYR C 59 6.46 -0.26 14.81
CA TYR C 59 6.01 -1.59 15.19
C TYR C 59 7.12 -2.39 15.88
N TYR C 60 6.75 -3.19 16.88
CA TYR C 60 7.72 -4.00 17.61
C TYR C 60 7.28 -5.46 17.63
N SER C 61 8.23 -6.37 17.76
CA SER C 61 7.83 -7.74 18.08
C SER C 61 7.43 -7.76 19.54
N ASP C 62 6.65 -8.77 19.94
CA ASP C 62 6.17 -8.87 21.30
C ASP C 62 7.33 -9.15 22.25
N THR C 63 8.31 -9.86 21.73
CA THR C 63 9.45 -10.30 22.53
C THR C 63 10.29 -9.12 23.02
N VAL C 64 10.49 -8.12 22.17
CA VAL C 64 11.27 -6.96 22.58
C VAL C 64 10.44 -5.76 23.01
N THR C 65 9.12 -5.87 22.95
CA THR C 65 8.31 -4.67 23.13
C THR C 65 8.44 -4.06 24.53
N GLY C 66 8.63 -2.75 24.57
CA GLY C 66 8.72 -2.02 25.82
C GLY C 66 10.12 -1.89 26.40
N ARG C 67 11.01 -2.84 26.06
CA ARG C 67 12.45 -2.73 26.31
C ARG C 67 13.22 -2.01 25.19
N PHE C 68 12.85 -2.27 23.94
CA PHE C 68 13.59 -1.70 22.80
C PHE C 68 12.88 -0.48 22.24
N THR C 69 13.67 0.50 21.79
CA THR C 69 13.09 1.67 21.16
C THR C 69 13.81 2.00 19.89
N ILE C 70 13.08 2.03 18.79
CA ILE C 70 13.68 2.33 17.51
C ILE C 70 13.53 3.81 17.21
N SER C 71 14.56 4.40 16.61
CA SER C 71 14.52 5.82 16.28
C SER C 71 15.25 6.11 14.99
N ARG C 72 15.16 7.35 14.54
CA ARG C 72 15.62 7.70 13.21
C ARG C 72 16.17 9.14 13.14
N ASP C 73 17.33 9.32 12.51
CA ASP C 73 17.86 10.67 12.25
C ASP C 73 17.90 10.94 10.75
N ASN C 74 16.97 11.75 10.26
CA ASN C 74 16.86 11.92 8.82
C ASN C 74 17.81 12.98 8.29
N ALA C 75 18.39 13.75 9.20
CA ALA C 75 19.40 14.74 8.82
C ALA C 75 20.74 14.09 8.57
N ARG C 76 21.15 13.23 9.49
CA ARG C 76 22.44 12.57 9.42
C ARG C 76 22.34 11.20 8.73
N ASN C 77 21.12 10.81 8.38
CA ASN C 77 20.85 9.51 7.76
C ASN C 77 21.33 8.32 8.61
N ILE C 78 20.87 8.26 9.85
CA ILE C 78 21.22 7.17 10.76
C ILE C 78 19.98 6.42 11.23
N LEU C 79 20.15 5.17 11.62
CA LEU C 79 19.06 4.40 12.22
C LEU C 79 19.51 3.96 13.59
N HIS C 80 18.59 3.96 14.54
CA HIS C 80 18.96 3.69 15.91
C HIS C 80 18.06 2.64 16.54
N LEU C 81 18.66 1.85 17.42
CA LEU C 81 17.91 0.91 18.23
C LEU C 81 18.47 1.05 19.64
N GLU C 82 17.63 1.47 20.58
CA GLU C 82 18.06 1.60 21.97
C GLU C 82 17.46 0.48 22.79
N MET C 83 18.33 -0.37 23.32
CA MET C 83 17.88 -1.55 24.07
C MET C 83 18.12 -1.38 25.55
N SER C 84 17.19 -1.89 26.36
CA SER C 84 17.28 -1.75 27.80
C SER C 84 16.82 -3.04 28.47
N SER C 85 17.24 -3.23 29.72
CA SER C 85 17.02 -4.46 30.48
C SER C 85 17.14 -5.65 29.54
N LEU C 86 18.36 -5.83 29.03
CA LEU C 86 18.67 -6.86 28.07
C LEU C 86 18.70 -8.23 28.72
N ARG C 87 18.27 -9.24 27.97
CA ARG C 87 18.29 -10.61 28.42
C ARG C 87 19.25 -11.41 27.55
N SER C 88 19.73 -12.54 28.07
CA SER C 88 20.60 -13.42 27.28
C SER C 88 19.97 -13.73 25.92
N GLU C 89 18.68 -13.99 25.90
CA GLU C 89 17.99 -14.33 24.66
C GLU C 89 17.99 -13.21 23.63
N ASP C 90 18.48 -12.03 24.00
CA ASP C 90 18.58 -10.94 23.04
C ASP C 90 19.89 -11.01 22.27
N THR C 91 20.69 -12.04 22.58
CA THR C 91 21.97 -12.23 21.89
C THR C 91 21.72 -12.65 20.45
N ALA C 92 22.31 -11.91 19.53
CA ALA C 92 22.15 -12.16 18.11
C ALA C 92 22.98 -11.16 17.32
N MET C 93 23.20 -11.45 16.05
CA MET C 93 23.69 -10.44 15.15
C MET C 93 22.52 -9.56 14.76
N TYR C 94 22.71 -8.24 14.81
CA TYR C 94 21.61 -7.34 14.48
C TYR C 94 21.81 -6.73 13.10
N TYR C 95 20.79 -6.87 12.27
CA TYR C 95 20.83 -6.46 10.88
C TYR C 95 19.97 -5.25 10.66
N CYS C 96 20.52 -4.26 9.98
CA CYS C 96 19.74 -3.11 9.59
C CYS C 96 19.20 -3.40 8.19
N ALA C 97 17.89 -3.48 8.07
CA ALA C 97 17.28 -3.84 6.79
C ALA C 97 16.35 -2.74 6.30
N ARG C 98 16.48 -2.39 5.02
CA ARG C 98 15.62 -1.37 4.43
C ARG C 98 14.50 -1.97 3.59
N GLY C 99 13.26 -1.79 4.01
CA GLY C 99 12.19 -1.89 3.04
C GLY C 99 10.93 -1.11 3.37
N GLU C 100 10.35 -0.60 2.30
CA GLU C 100 9.37 0.46 2.35
C GLU C 100 8.10 -0.15 1.83
N VAL C 101 8.15 -0.63 0.59
CA VAL C 101 7.07 -1.43 0.05
C VAL C 101 7.04 -2.80 0.72
N ARG C 102 5.92 -3.11 1.36
CA ARG C 102 5.75 -4.39 2.03
C ARG C 102 5.70 -5.50 1.01
N GLN C 103 5.11 -5.18 -0.13
CA GLN C 103 4.98 -6.15 -1.20
C GLN C 103 6.32 -6.48 -1.83
N ARG C 104 7.34 -5.65 -1.60
CA ARG C 104 8.67 -5.98 -2.09
C ARG C 104 9.65 -6.58 -1.08
N GLY C 105 9.26 -6.63 0.20
CA GLY C 105 10.17 -7.11 1.24
C GLY C 105 11.41 -6.25 1.50
N PHE C 106 12.44 -6.84 2.11
CA PHE C 106 13.63 -6.06 2.47
C PHE C 106 14.68 -6.12 1.36
N ASP C 107 14.83 -5.02 0.61
CA ASP C 107 15.63 -5.04 -0.59
C ASP C 107 17.11 -4.75 -0.37
N TYR C 108 17.49 -4.25 0.81
CA TYR C 108 18.91 -4.12 1.16
C TYR C 108 19.18 -4.37 2.64
N TRP C 109 20.22 -5.15 2.93
CA TRP C 109 20.60 -5.46 4.31
C TRP C 109 22.04 -5.02 4.60
N GLY C 110 22.31 -4.62 5.83
CA GLY C 110 23.66 -4.28 6.24
C GLY C 110 24.51 -5.50 6.53
N GLN C 111 25.76 -5.26 6.89
CA GLN C 111 26.69 -6.34 7.21
C GLN C 111 26.33 -6.96 8.57
N GLY C 112 25.66 -6.17 9.39
CA GLY C 112 25.29 -6.61 10.73
C GLY C 112 26.27 -6.18 11.81
N THR C 113 25.81 -6.26 13.06
CA THR C 113 26.64 -5.96 14.22
C THR C 113 26.23 -6.89 15.36
N THR C 114 27.21 -7.41 16.10
CA THR C 114 26.92 -8.48 17.04
C THR C 114 26.72 -7.99 18.46
N LEU C 115 25.68 -8.50 19.08
CA LEU C 115 25.37 -8.19 20.47
C LEU C 115 25.43 -9.47 21.28
N THR C 116 26.32 -9.51 22.26
CA THR C 116 26.36 -10.65 23.16
C THR C 116 25.97 -10.23 24.56
N VAL C 117 24.98 -10.91 25.11
CA VAL C 117 24.52 -10.61 26.46
C VAL C 117 24.89 -11.75 27.39
N SER C 118 25.91 -11.51 28.22
CA SER C 118 26.29 -12.51 29.19
C SER C 118 26.85 -11.87 30.45
N SER C 119 26.51 -12.48 31.59
CA SER C 119 27.13 -12.09 32.84
C SER C 119 28.58 -12.56 32.84
N ALA C 120 28.93 -13.41 31.86
CA ALA C 120 30.29 -13.92 31.76
C ALA C 120 31.26 -12.77 31.49
N LYS C 121 32.52 -13.00 31.85
CA LYS C 121 33.52 -11.95 31.82
C LYS C 121 34.54 -12.21 30.71
N THR C 122 34.96 -11.14 30.05
CA THR C 122 35.98 -11.19 29.01
C THR C 122 37.27 -11.85 29.49
N THR C 123 37.80 -12.77 28.70
CA THR C 123 39.15 -13.28 28.95
C THR C 123 39.88 -13.56 27.64
N ALA C 124 41.21 -13.51 27.67
CA ALA C 124 42.01 -13.68 26.47
C ALA C 124 42.34 -15.15 26.23
N PRO C 125 42.49 -15.52 24.95
CA PRO C 125 42.81 -16.91 24.59
C PRO C 125 44.25 -17.31 24.91
N SER C 126 44.44 -18.59 25.14
CA SER C 126 45.77 -19.17 25.13
C SER C 126 45.96 -19.86 23.79
N VAL C 127 46.91 -19.39 22.98
CA VAL C 127 47.16 -19.98 21.68
C VAL C 127 48.25 -21.06 21.76
N TYR C 128 47.96 -22.27 21.29
CA TYR C 128 48.95 -23.33 21.36
C TYR C 128 49.25 -23.86 19.96
N PRO C 129 50.56 -24.09 19.68
CA PRO C 129 50.97 -24.62 18.39
C PRO C 129 50.70 -26.11 18.37
N LEU C 130 50.36 -26.67 17.22
CA LEU C 130 50.19 -28.11 17.13
C LEU C 130 51.22 -28.69 16.16
N ALA C 131 52.22 -29.36 16.72
CA ALA C 131 53.29 -30.01 15.97
C ALA C 131 53.07 -31.52 15.95
N PRO C 132 53.14 -32.14 14.77
CA PRO C 132 52.86 -33.59 14.68
C PRO C 132 53.86 -34.44 15.46
N VAL C 133 53.62 -35.74 15.55
CA VAL C 133 54.50 -36.64 16.30
C VAL C 133 55.78 -36.91 15.52
N CYS C 134 56.83 -37.36 16.18
CA CYS C 134 58.08 -37.68 15.47
C CYS C 134 57.94 -39.05 14.78
N GLY C 135 58.07 -39.04 13.45
CA GLY C 135 57.87 -40.24 12.64
C GLY C 135 56.41 -40.39 12.26
N ASP C 136 56.14 -40.96 11.09
CA ASP C 136 57.17 -41.47 10.18
C ASP C 136 57.68 -40.41 9.20
N THR C 137 57.19 -39.18 9.36
CA THR C 137 57.61 -38.04 8.55
C THR C 137 57.20 -38.16 7.07
N THR C 138 56.07 -38.81 6.82
CA THR C 138 55.40 -38.76 5.52
C THR C 138 54.16 -37.88 5.66
N GLY C 139 53.78 -37.13 4.62
CA GLY C 139 54.37 -37.17 3.29
C GLY C 139 53.46 -37.95 2.36
N SER C 140 53.35 -37.53 1.11
CA SER C 140 54.04 -36.34 0.60
C SER C 140 53.55 -35.02 1.22
N SER C 141 52.47 -35.07 2.00
CA SER C 141 51.94 -33.87 2.65
C SER C 141 51.87 -34.00 4.17
N VAL C 142 52.07 -32.89 4.86
CA VAL C 142 52.00 -32.84 6.31
C VAL C 142 50.94 -31.85 6.77
N THR C 143 50.41 -32.02 7.98
CA THR C 143 49.39 -31.11 8.46
C THR C 143 49.68 -30.55 9.86
N LEU C 144 49.71 -29.23 9.96
CA LEU C 144 49.90 -28.56 11.23
C LEU C 144 48.58 -27.98 11.73
N GLY C 145 48.59 -27.45 12.95
CA GLY C 145 47.38 -26.97 13.57
C GLY C 145 47.67 -25.97 14.67
N CYS C 146 46.67 -25.18 15.02
CA CYS C 146 46.81 -24.16 16.04
C CYS C 146 45.58 -24.13 16.93
N LEU C 147 45.78 -24.23 18.25
CA LEU C 147 44.66 -24.38 19.17
C LEU C 147 44.43 -23.13 20.01
N VAL C 148 43.33 -22.44 19.76
CA VAL C 148 42.97 -21.26 20.52
C VAL C 148 41.95 -21.63 21.60
N LYS C 149 42.35 -21.56 22.87
CA LYS C 149 41.56 -22.14 23.95
C LYS C 149 41.10 -21.11 25.00
N GLY C 150 39.93 -21.35 25.56
CA GLY C 150 39.43 -20.60 26.70
C GLY C 150 39.34 -19.09 26.55
N TYR C 151 38.64 -18.60 25.54
CA TYR C 151 38.54 -17.16 25.32
C TYR C 151 37.09 -16.72 25.33
N PHE C 152 36.86 -15.42 25.40
CA PHE C 152 35.51 -14.89 25.45
C PHE C 152 35.52 -13.37 25.43
N PRO C 153 34.56 -12.76 24.70
CA PRO C 153 33.54 -13.36 23.83
C PRO C 153 34.08 -13.61 22.43
N GLU C 154 33.23 -13.97 21.49
CA GLU C 154 33.64 -13.96 20.09
C GLU C 154 33.71 -12.50 19.65
N PRO C 155 34.35 -12.23 18.51
CA PRO C 155 35.10 -13.16 17.63
C PRO C 155 36.60 -13.20 17.87
N VAL C 156 37.28 -14.11 17.17
CA VAL C 156 38.73 -14.06 17.05
C VAL C 156 39.11 -14.00 15.57
N THR C 157 40.41 -13.91 15.34
CA THR C 157 40.94 -13.85 13.99
C THR C 157 42.14 -14.76 13.89
N LEU C 158 42.05 -15.77 13.03
CA LEU C 158 43.17 -16.67 12.81
C LEU C 158 43.55 -16.67 11.34
N THR C 159 44.84 -16.47 11.09
CA THR C 159 45.41 -16.57 9.75
C THR C 159 46.73 -17.32 9.86
N TRP C 160 47.22 -17.82 8.75
CA TRP C 160 48.53 -18.47 8.75
C TRP C 160 49.54 -17.65 7.97
N ASN C 161 50.71 -17.42 8.58
CA ASN C 161 51.74 -16.57 8.00
C ASN C 161 51.10 -15.27 7.50
N SER C 162 50.34 -14.64 8.39
CA SER C 162 49.67 -13.37 8.13
C SER C 162 48.89 -13.30 6.82
N GLY C 163 48.29 -14.43 6.43
CA GLY C 163 47.42 -14.45 5.28
C GLY C 163 48.07 -14.93 4.00
N SER C 164 49.36 -15.24 4.06
CA SER C 164 50.10 -15.69 2.90
C SER C 164 49.48 -16.98 2.34
N LEU C 165 49.37 -18.01 3.18
CA LEU C 165 48.86 -19.27 2.68
C LEU C 165 47.40 -19.44 3.08
N SER C 166 46.51 -19.31 2.09
CA SER C 166 45.08 -19.54 2.32
C SER C 166 44.58 -20.95 1.97
N SER C 167 45.39 -21.73 1.26
CA SER C 167 44.91 -23.04 0.84
C SER C 167 45.50 -24.12 1.75
N GLY C 168 44.70 -25.16 2.01
CA GLY C 168 45.08 -26.23 2.90
C GLY C 168 44.64 -25.94 4.32
N VAL C 169 43.96 -24.81 4.49
CA VAL C 169 43.56 -24.34 5.80
C VAL C 169 42.08 -24.61 6.10
N HIS C 170 41.84 -25.33 7.18
CA HIS C 170 40.50 -25.48 7.76
C HIS C 170 40.42 -24.82 9.14
N THR C 171 39.68 -23.72 9.23
CA THR C 171 39.49 -23.06 10.51
C THR C 171 38.11 -23.37 11.07
N PHE C 172 38.07 -24.20 12.10
CA PHE C 172 36.80 -24.67 12.66
C PHE C 172 36.09 -23.59 13.45
N PRO C 173 34.76 -23.54 13.33
CA PRO C 173 34.01 -22.55 14.11
C PRO C 173 34.17 -22.79 15.61
N ALA C 174 34.18 -21.71 16.39
CA ALA C 174 34.40 -21.79 17.83
C ALA C 174 33.21 -22.41 18.55
N VAL C 175 33.48 -23.14 19.63
CA VAL C 175 32.42 -23.79 20.40
C VAL C 175 32.44 -23.35 21.86
N LEU C 176 31.30 -22.91 22.37
CA LEU C 176 31.26 -22.38 23.72
C LEU C 176 30.98 -23.46 24.76
N GLN C 177 31.98 -23.76 25.58
CA GLN C 177 31.79 -24.70 26.68
C GLN C 177 32.06 -24.02 28.03
N SER C 178 30.99 -23.80 28.80
CA SER C 178 31.07 -23.20 30.13
C SER C 178 31.75 -21.83 30.14
N ASP C 179 31.09 -20.86 29.50
CA ASP C 179 31.51 -19.46 29.46
C ASP C 179 32.88 -19.22 28.79
N LEU C 180 33.35 -20.17 28.00
CA LEU C 180 34.66 -20.03 27.35
C LEU C 180 34.65 -20.63 25.95
N TYR C 181 35.21 -19.91 24.99
CA TYR C 181 35.28 -20.41 23.61
C TYR C 181 36.59 -21.15 23.34
N THR C 182 36.49 -22.20 22.54
CA THR C 182 37.67 -22.90 22.05
C THR C 182 37.58 -23.03 20.53
N LEU C 183 38.70 -22.78 19.88
CA LEU C 183 38.75 -22.76 18.43
C LEU C 183 40.05 -23.41 17.97
N SER C 184 40.03 -24.03 16.81
CA SER C 184 41.24 -24.61 16.27
C SER C 184 41.33 -24.33 14.78
N SER C 185 42.50 -24.56 14.22
CA SER C 185 42.70 -24.43 12.79
C SER C 185 43.72 -25.45 12.36
N SER C 186 43.53 -26.02 11.19
CA SER C 186 44.49 -26.95 10.62
C SER C 186 45.00 -26.39 9.32
N VAL C 187 46.24 -26.71 8.99
CA VAL C 187 46.82 -26.26 7.74
C VAL C 187 47.67 -27.37 7.16
N THR C 188 47.47 -27.63 5.87
CA THR C 188 48.16 -28.72 5.21
C THR C 188 49.01 -28.19 4.06
N VAL C 189 50.32 -28.33 4.20
CA VAL C 189 51.28 -27.96 3.17
C VAL C 189 52.02 -29.22 2.73
N THR C 190 52.88 -29.10 1.72
CA THR C 190 53.71 -30.22 1.25
C THR C 190 54.95 -30.37 2.12
N SER C 191 55.41 -31.61 2.34
CA SER C 191 56.50 -31.88 3.29
C SER C 191 57.80 -31.20 2.91
N SER C 192 57.92 -30.78 1.65
CA SER C 192 59.09 -30.04 1.21
C SER C 192 59.09 -28.61 1.77
N THR C 193 57.91 -28.02 1.93
CA THR C 193 57.85 -26.64 2.43
C THR C 193 57.97 -26.55 3.97
N TRP C 194 57.82 -27.67 4.67
CA TRP C 194 57.93 -27.65 6.14
C TRP C 194 58.73 -28.83 6.70
N PRO C 195 59.56 -28.58 7.74
CA PRO C 195 59.78 -27.22 8.26
C PRO C 195 60.90 -26.45 7.58
N SER C 196 60.95 -26.44 6.24
CA SER C 196 61.97 -25.70 5.55
C SER C 196 61.66 -24.22 5.71
N GLN C 197 60.43 -23.88 5.34
CA GLN C 197 59.92 -22.51 5.46
C GLN C 197 59.08 -22.39 6.73
N SER C 198 59.18 -21.21 7.34
CA SER C 198 58.48 -20.88 8.58
C SER C 198 56.96 -20.95 8.42
N ILE C 199 56.28 -21.58 9.38
CA ILE C 199 54.83 -21.57 9.45
C ILE C 199 54.40 -21.00 10.81
N THR C 200 53.55 -19.98 10.81
CA THR C 200 53.13 -19.37 12.07
C THR C 200 51.62 -19.07 12.14
N CYS C 201 51.04 -19.36 13.30
CA CYS C 201 49.63 -19.14 13.56
C CYS C 201 49.43 -17.71 14.06
N ASN C 202 48.57 -16.95 13.38
CA ASN C 202 48.31 -15.57 13.79
C ASN C 202 46.92 -15.38 14.38
N VAL C 203 46.85 -15.17 15.69
CA VAL C 203 45.55 -15.02 16.34
C VAL C 203 45.32 -13.59 16.81
N ALA C 204 44.06 -13.15 16.75
CA ALA C 204 43.69 -11.83 17.24
C ALA C 204 42.36 -11.86 18.01
N HIS C 205 42.41 -11.42 19.25
CA HIS C 205 41.21 -11.28 20.07
C HIS C 205 41.12 -9.84 20.61
N PRO C 206 40.60 -8.91 19.78
CA PRO C 206 40.56 -7.47 20.07
C PRO C 206 39.85 -7.13 21.36
N ALA C 207 38.88 -7.96 21.72
CA ALA C 207 38.08 -7.73 22.92
C ALA C 207 38.96 -7.68 24.15
N SER C 208 39.96 -8.55 24.19
CA SER C 208 40.98 -8.60 25.24
C SER C 208 42.28 -7.87 24.85
N SER C 209 42.25 -7.17 23.72
CA SER C 209 43.44 -6.57 23.10
C SER C 209 44.60 -7.57 23.06
N THR C 210 44.30 -8.77 22.59
CA THR C 210 45.27 -9.85 22.41
C THR C 210 45.71 -9.95 20.96
N LYS C 211 47.03 -9.99 20.73
CA LYS C 211 47.61 -10.24 19.41
C LYS C 211 48.77 -11.20 19.58
N VAL C 212 48.68 -12.37 18.96
CA VAL C 212 49.66 -13.43 19.22
C VAL C 212 50.09 -14.14 17.97
N ASP C 213 51.38 -14.39 17.86
CA ASP C 213 51.95 -15.17 16.76
C ASP C 213 52.65 -16.41 17.30
N LYS C 214 52.29 -17.58 16.79
CA LYS C 214 52.96 -18.81 17.23
C LYS C 214 53.63 -19.53 16.08
N LYS C 215 54.95 -19.60 16.12
CA LYS C 215 55.71 -20.38 15.15
C LYS C 215 55.58 -21.85 15.54
N ILE C 216 55.28 -22.70 14.56
CA ILE C 216 55.17 -24.13 14.83
C ILE C 216 56.52 -24.82 14.60
N GLU C 217 57.04 -25.44 15.65
CA GLU C 217 58.30 -26.19 15.56
C GLU C 217 58.12 -27.60 16.11
N PRO C 218 58.96 -28.54 15.64
CA PRO C 218 58.81 -29.98 15.93
C PRO C 218 59.40 -30.45 17.27
N ARG C 219 59.05 -29.77 18.36
CA ARG C 219 59.62 -30.07 19.69
C ARG C 219 59.27 -31.48 20.16
#